data_4LCA
#
_entry.id   4LCA
#
_cell.length_a   51.525
_cell.length_b   80.777
_cell.length_c   82.663
_cell.angle_alpha   90.000
_cell.angle_beta   98.090
_cell.angle_gamma   90.000
#
_symmetry.space_group_name_H-M   'P 1 21 1'
#
loop_
_entity.id
_entity.type
_entity.pdbx_description
1 polymer 'Probable sugar kinase protein'
2 non-polymer ADENOSINE
3 non-polymer THYMIDINE
4 non-polymer 'DIMETHYL SULFOXIDE'
5 non-polymer 'POTASSIUM ION'
6 water water
#
_entity_poly.entity_id   1
_entity_poly.type   'polypeptide(L)'
_entity_poly.pdbx_seq_one_letter_code
;(MSE)HHHHHHSSGVDLGTENLYFQS(MSE)TRFDVLTVGNAIVDIISRCNDQFLIDNQITKAA(MSE)NLIDAERAELL
YSR(MSE)GPALEASGGSAGNTAAGVANLGGKAAYFGNVAADQLGDIFTHDIRAQGVHYQTKPKGAFPPTARS(MSE)IF
VTEDGERS(MSE)NTYLGACVELGPEDVEADVVADAKVTYFEGYLWDPPRAKEAILDCARIAHQHGRE(MSE)S(MSE)T
LSDSFCVDRYRGEFLDL(MSE)RSGKVDIVFANRQEALSLYQTDDFEEALNRIAADCKIAAVT(MSE)SENGAVILKGRE
RYYVNAIRIREVVDTTGAGDLFASGFLYGYTQGRSLEDCGKLGCLAAGIVIQQIGPRP(MSE)TSLSEAAKQAGLI
;
_entity_poly.pdbx_strand_id   A,B
#
loop_
_chem_comp.id
_chem_comp.type
_chem_comp.name
_chem_comp.formula
ADN non-polymer ADENOSINE 'C10 H13 N5 O4'
DMS non-polymer 'DIMETHYL SULFOXIDE' 'C2 H6 O S'
K non-polymer 'POTASSIUM ION' 'K 1'
THM DNA OH 5 prime terminus THYMIDINE 'C10 H14 N2 O5'
#
# COMPACT_ATOMS: atom_id res chain seq x y z
N MSE A 23 0.15 36.13 13.70
CA MSE A 23 0.38 34.80 13.07
C MSE A 23 -0.83 33.97 13.25
O MSE A 23 -1.51 34.07 14.26
CB MSE A 23 1.56 34.12 13.73
CG MSE A 23 2.83 34.73 13.17
SE MSE A 23 4.32 34.24 14.36
CE MSE A 23 3.55 34.70 16.14
N THR A 24 -1.09 33.13 12.25
CA THR A 24 -2.19 32.17 12.31
C THR A 24 -1.54 30.80 12.38
N ARG A 25 -1.97 29.98 13.35
CA ARG A 25 -1.41 28.67 13.58
C ARG A 25 -1.51 27.80 12.33
N PHE A 26 -2.65 27.87 11.67
CA PHE A 26 -2.94 27.03 10.49
C PHE A 26 -3.33 27.82 9.24
N ASP A 27 -2.84 27.35 8.11
CA ASP A 27 -3.32 27.84 6.81
C ASP A 27 -4.65 27.18 6.43
N VAL A 28 -4.69 25.84 6.52
CA VAL A 28 -5.88 25.09 6.11
C VAL A 28 -6.21 24.02 7.16
N LEU A 29 -7.43 24.09 7.68
CA LEU A 29 -8.01 22.99 8.43
C LEU A 29 -8.94 22.25 7.47
N THR A 30 -8.80 20.92 7.38
CA THR A 30 -9.78 20.17 6.63
C THR A 30 -10.57 19.25 7.54
N VAL A 31 -11.78 18.92 7.10
CA VAL A 31 -12.67 18.07 7.90
C VAL A 31 -13.33 17.06 6.98
N GLY A 32 -13.27 15.79 7.35
CA GLY A 32 -13.84 14.77 6.49
C GLY A 32 -13.95 13.40 7.13
N ASN A 33 -14.41 12.46 6.31
CA ASN A 33 -14.46 11.04 6.67
C ASN A 33 -13.07 10.43 6.68
N ALA A 34 -12.62 10.00 7.86
CA ALA A 34 -11.29 9.44 8.03
C ALA A 34 -11.31 7.99 7.56
N ILE A 35 -10.60 7.71 6.45
CA ILE A 35 -10.73 6.43 5.77
C ILE A 35 -9.35 5.86 5.42
N VAL A 36 -9.23 4.53 5.48
CA VAL A 36 -8.05 3.86 4.92
C VAL A 36 -8.50 3.18 3.64
N ASP A 37 -7.74 3.41 2.56
CA ASP A 37 -8.01 2.84 1.25
C ASP A 37 -7.42 1.44 1.12
N ILE A 38 -8.19 0.56 0.48
CA ILE A 38 -7.77 -0.79 0.11
C ILE A 38 -7.91 -0.82 -1.42
N ILE A 39 -6.75 -0.92 -2.11
CA ILE A 39 -6.65 -0.58 -3.53
C ILE A 39 -6.28 -1.79 -4.36
N SER A 40 -7.04 -2.01 -5.43
CA SER A 40 -6.75 -3.09 -6.36
C SER A 40 -7.12 -2.73 -7.80
N ARG A 41 -6.34 -3.24 -8.74
CA ARG A 41 -6.69 -3.08 -10.14
C ARG A 41 -7.68 -4.17 -10.54
N CYS A 42 -8.67 -3.81 -11.35
CA CYS A 42 -9.64 -4.79 -11.84
C CYS A 42 -9.90 -4.59 -13.31
N ASN A 43 -10.48 -5.61 -13.93
CA ASN A 43 -10.94 -5.51 -15.32
C ASN A 43 -12.30 -4.81 -15.38
N ASP A 44 -12.73 -4.41 -16.57
CA ASP A 44 -13.98 -3.67 -16.72
C ASP A 44 -15.21 -4.46 -16.28
N GLN A 45 -15.19 -5.76 -16.52
CA GLN A 45 -16.33 -6.63 -16.23
C GLN A 45 -16.58 -6.75 -14.72
N PHE A 46 -15.52 -6.59 -13.94
CA PHE A 46 -15.64 -6.73 -12.48
C PHE A 46 -16.67 -5.73 -11.92
N LEU A 47 -16.58 -4.49 -12.40
CA LEU A 47 -17.53 -3.45 -11.98
C LEU A 47 -18.96 -3.78 -12.34
N ILE A 48 -19.16 -4.28 -13.56
CA ILE A 48 -20.48 -4.68 -14.07
C ILE A 48 -21.02 -5.86 -13.26
N ASP A 49 -20.21 -6.90 -13.14
CA ASP A 49 -20.61 -8.10 -12.37
C ASP A 49 -21.04 -7.78 -10.94
N ASN A 50 -20.44 -6.76 -10.34
CA ASN A 50 -20.66 -6.45 -8.93
C ASN A 50 -21.52 -5.21 -8.70
N GLN A 51 -22.09 -4.69 -9.80
CA GLN A 51 -22.99 -3.53 -9.74
C GLN A 51 -22.37 -2.34 -9.01
N ILE A 52 -21.09 -2.10 -9.29
CA ILE A 52 -20.36 -0.97 -8.72
C ILE A 52 -20.44 0.16 -9.75
N THR A 53 -20.94 1.33 -9.33
CA THR A 53 -21.04 2.48 -10.24
C THR A 53 -19.65 3.01 -10.48
N LYS A 54 -19.25 3.01 -11.75
CA LYS A 54 -17.89 3.38 -12.11
C LYS A 54 -17.62 4.85 -11.83
N ALA A 55 -16.40 5.14 -11.36
CA ALA A 55 -15.95 6.50 -11.08
C ALA A 55 -16.63 7.19 -9.91
N ALA A 56 -17.48 6.44 -9.20
CA ALA A 56 -18.25 7.04 -8.11
C ALA A 56 -17.86 6.50 -6.76
N MSE A 57 -18.36 7.19 -5.74
CA MSE A 57 -18.25 6.72 -4.36
C MSE A 57 -19.52 5.97 -4.05
O MSE A 57 -20.62 6.55 -4.02
CB MSE A 57 -18.09 7.93 -3.44
CG MSE A 57 -17.51 7.65 -2.07
SE MSE A 57 -18.90 6.85 -0.93
CE MSE A 57 -20.04 8.45 -0.77
N ASN A 58 -19.38 4.66 -3.81
CA ASN A 58 -20.51 3.78 -3.56
C ASN A 58 -20.52 3.44 -2.06
N LEU A 59 -21.51 3.95 -1.32
CA LEU A 59 -21.63 3.60 0.11
C LEU A 59 -22.08 2.16 0.27
N ILE A 60 -21.45 1.46 1.21
CA ILE A 60 -21.79 0.05 1.44
C ILE A 60 -21.91 -0.23 2.94
N ASP A 61 -22.73 -1.23 3.27
CA ASP A 61 -22.81 -1.70 4.67
C ASP A 61 -21.74 -2.75 4.97
N ALA A 62 -21.75 -3.26 6.20
CA ALA A 62 -20.72 -4.18 6.64
C ALA A 62 -20.77 -5.49 5.87
N GLU A 63 -21.97 -5.98 5.61
CA GLU A 63 -22.17 -7.24 4.89
C GLU A 63 -21.60 -7.11 3.47
N ARG A 64 -21.93 -6.02 2.79
CA ARG A 64 -21.44 -5.80 1.43
C ARG A 64 -19.93 -5.61 1.41
N ALA A 65 -19.40 -4.91 2.41
CA ALA A 65 -17.95 -4.78 2.54
C ALA A 65 -17.26 -6.15 2.57
N GLU A 66 -17.76 -7.05 3.41
CA GLU A 66 -17.19 -8.39 3.47
C GLU A 66 -17.31 -9.13 2.13
N LEU A 67 -18.48 -9.01 1.48
CA LEU A 67 -18.72 -9.63 0.17
C LEU A 67 -17.74 -9.11 -0.87
N LEU A 68 -17.67 -7.81 -1.00
CA LEU A 68 -16.79 -7.24 -2.03
C LEU A 68 -15.34 -7.62 -1.77
N TYR A 69 -14.93 -7.57 -0.51
CA TYR A 69 -13.54 -7.90 -0.16
C TYR A 69 -13.21 -9.34 -0.55
N SER A 70 -14.17 -10.23 -0.38
CA SER A 70 -13.97 -11.64 -0.73
C SER A 70 -13.74 -11.84 -2.21
N ARG A 71 -14.21 -10.90 -3.02
CA ARG A 71 -14.07 -10.95 -4.48
C ARG A 71 -12.88 -10.17 -5.01
N MSE A 72 -12.29 -9.36 -4.16
CA MSE A 72 -11.19 -8.45 -4.50
C MSE A 72 -9.89 -9.20 -4.57
O MSE A 72 -9.59 -10.09 -3.76
CB MSE A 72 -11.11 -7.38 -3.44
CG MSE A 72 -10.12 -6.29 -3.83
SE MSE A 72 -10.22 -4.97 -2.41
CE MSE A 72 -9.87 -3.35 -3.46
N GLY A 73 -9.04 -8.81 -5.53
CA GLY A 73 -7.73 -9.39 -5.60
C GLY A 73 -6.81 -8.92 -4.47
N PRO A 74 -5.54 -9.39 -4.47
CA PRO A 74 -4.57 -8.86 -3.52
C PRO A 74 -4.54 -7.34 -3.63
N ALA A 75 -4.44 -6.69 -2.48
CA ALA A 75 -4.54 -5.25 -2.41
C ALA A 75 -3.38 -4.58 -1.70
N LEU A 76 -3.38 -3.24 -1.82
CA LEU A 76 -2.47 -2.39 -1.09
CA LEU A 76 -2.47 -2.37 -1.09
C LEU A 76 -3.31 -1.46 -0.21
N GLU A 77 -2.78 -1.12 0.96
CA GLU A 77 -3.49 -0.19 1.84
C GLU A 77 -2.72 1.11 1.91
N ALA A 78 -3.47 2.22 1.91
CA ALA A 78 -2.90 3.54 2.07
C ALA A 78 -3.96 4.41 2.71
N SER A 79 -3.50 5.31 3.58
CA SER A 79 -4.41 6.30 4.18
C SER A 79 -5.08 7.14 3.09
N GLY A 80 -6.40 7.33 3.23
CA GLY A 80 -7.22 8.08 2.29
C GLY A 80 -8.09 9.09 3.00
N GLY A 81 -9.34 9.21 2.54
CA GLY A 81 -10.25 10.24 3.02
C GLY A 81 -9.96 11.49 2.19
N SER A 82 -10.98 11.96 1.50
CA SER A 82 -10.79 13.13 0.61
CA SER A 82 -10.81 13.15 0.62
C SER A 82 -10.11 14.31 1.31
N ALA A 83 -10.72 14.82 2.39
CA ALA A 83 -10.16 15.93 3.16
C ALA A 83 -8.81 15.58 3.78
N GLY A 84 -8.63 14.30 4.14
CA GLY A 84 -7.37 13.83 4.71
C GLY A 84 -6.24 14.02 3.72
N ASN A 85 -6.52 13.59 2.49
CA ASN A 85 -5.59 13.74 1.36
C ASN A 85 -5.28 15.21 1.11
N THR A 86 -6.32 16.06 1.15
CA THR A 86 -6.14 17.51 0.93
C THR A 86 -5.22 18.11 2.01
N ALA A 87 -5.50 17.75 3.28
CA ALA A 87 -4.68 18.22 4.39
C ALA A 87 -3.21 17.80 4.18
N ALA A 88 -3.00 16.52 3.86
CA ALA A 88 -1.67 16.00 3.58
C ALA A 88 -0.98 16.75 2.46
N GLY A 89 -1.73 17.05 1.40
CA GLY A 89 -1.16 17.72 0.24
C GLY A 89 -0.69 19.12 0.60
N VAL A 90 -1.50 19.84 1.38
CA VAL A 90 -1.15 21.18 1.85
C VAL A 90 0.16 21.16 2.65
N ALA A 91 0.28 20.20 3.56
CA ALA A 91 1.48 20.06 4.36
C ALA A 91 2.68 19.70 3.46
N ASN A 92 2.45 18.87 2.45
CA ASN A 92 3.49 18.45 1.53
C ASN A 92 4.05 19.68 0.83
N LEU A 93 3.17 20.55 0.36
CA LEU A 93 3.58 21.80 -0.32
C LEU A 93 4.30 22.79 0.59
N GLY A 94 4.10 22.66 1.90
CA GLY A 94 4.81 23.47 2.88
C GLY A 94 3.91 24.35 3.73
N GLY A 95 2.59 24.23 3.54
CA GLY A 95 1.62 25.00 4.32
C GLY A 95 1.34 24.34 5.66
N LYS A 96 0.61 25.04 6.51
CA LYS A 96 0.38 24.55 7.86
C LYS A 96 -1.05 24.01 7.90
N ALA A 97 -1.17 22.71 8.12
CA ALA A 97 -2.46 22.02 8.01
C ALA A 97 -2.90 21.31 9.29
N ALA A 98 -4.22 21.25 9.46
CA ALA A 98 -4.86 20.50 10.53
C ALA A 98 -6.00 19.67 9.95
N TYR A 99 -6.45 18.65 10.69
CA TYR A 99 -7.50 17.77 10.20
C TYR A 99 -8.41 17.32 11.35
N PHE A 100 -9.72 17.31 11.12
CA PHE A 100 -10.68 16.64 12.02
C PHE A 100 -11.29 15.47 11.25
N GLY A 101 -11.32 14.29 11.87
CA GLY A 101 -11.92 13.11 11.26
C GLY A 101 -11.79 12.02 12.30
N ASN A 102 -12.78 11.14 12.37
CA ASN A 102 -12.88 10.16 13.44
C ASN A 102 -12.59 8.73 13.03
N VAL A 103 -11.53 8.18 13.61
CA VAL A 103 -11.18 6.78 13.46
C VAL A 103 -11.55 6.00 14.70
N ALA A 104 -11.40 4.69 14.60
CA ALA A 104 -11.57 3.80 15.77
C ALA A 104 -10.21 3.53 16.40
N ALA A 105 -10.23 3.01 17.64
CA ALA A 105 -9.04 2.59 18.33
C ALA A 105 -8.70 1.20 17.82
N ASP A 106 -8.25 1.10 16.57
CA ASP A 106 -7.83 -0.20 16.02
C ASP A 106 -6.62 0.02 15.11
N GLN A 107 -6.17 -1.07 14.47
CA GLN A 107 -4.94 -1.02 13.68
C GLN A 107 -5.10 -0.12 12.46
N LEU A 108 -6.24 -0.18 11.80
CA LEU A 108 -6.51 0.74 10.69
C LEU A 108 -6.51 2.21 11.15
N GLY A 109 -7.09 2.48 12.32
CA GLY A 109 -7.09 3.85 12.84
C GLY A 109 -5.70 4.31 13.19
N ASP A 110 -4.87 3.39 13.69
CA ASP A 110 -3.47 3.70 14.01
C ASP A 110 -2.65 4.02 12.76
N ILE A 111 -2.92 3.29 11.68
CA ILE A 111 -2.33 3.61 10.34
C ILE A 111 -2.74 5.01 9.91
N PHE A 112 -4.05 5.29 9.95
CA PHE A 112 -4.55 6.61 9.53
C PHE A 112 -3.86 7.69 10.38
N THR A 113 -3.88 7.49 11.70
CA THR A 113 -3.29 8.47 12.60
C THR A 113 -1.81 8.70 12.32
N HIS A 114 -1.07 7.62 12.13
CA HIS A 114 0.36 7.74 11.85
C HIS A 114 0.61 8.56 10.56
N ASP A 115 -0.08 8.17 9.51
CA ASP A 115 0.25 8.71 8.17
C ASP A 115 -0.01 10.19 8.12
N ILE A 116 -1.14 10.63 8.66
CA ILE A 116 -1.48 12.06 8.57
C ILE A 116 -0.58 12.91 9.48
N ARG A 117 -0.33 12.43 10.70
CA ARG A 117 0.57 13.13 11.61
C ARG A 117 2.03 13.13 11.11
N ALA A 118 2.46 12.04 10.45
CA ALA A 118 3.83 11.94 9.93
C ALA A 118 4.09 12.95 8.83
N GLN A 119 3.01 13.36 8.16
CA GLN A 119 3.08 14.35 7.08
C GLN A 119 3.17 15.75 7.68
N GLY A 120 2.95 15.86 8.99
CA GLY A 120 3.06 17.14 9.69
C GLY A 120 1.74 17.87 9.78
N VAL A 121 0.65 17.14 9.62
CA VAL A 121 -0.70 17.65 9.84
C VAL A 121 -1.08 17.52 11.31
N HIS A 122 -1.64 18.58 11.88
CA HIS A 122 -2.19 18.56 13.24
C HIS A 122 -3.41 17.67 13.22
N TYR A 123 -3.35 16.57 13.96
CA TYR A 123 -4.45 15.65 14.03
C TYR A 123 -4.66 15.11 15.43
N GLN A 124 -5.76 15.53 16.03
CA GLN A 124 -5.97 15.28 17.44
C GLN A 124 -7.34 14.70 17.78
N THR A 125 -8.14 14.40 16.76
CA THR A 125 -9.46 13.78 16.96
C THR A 125 -9.33 12.43 17.69
N LYS A 126 -10.05 12.31 18.81
CA LYS A 126 -9.91 11.15 19.68
C LYS A 126 -10.86 10.02 19.29
N PRO A 127 -10.35 8.78 19.17
CA PRO A 127 -11.27 7.69 18.89
C PRO A 127 -12.19 7.48 20.10
N LYS A 128 -13.38 6.95 19.87
CA LYS A 128 -14.40 6.76 20.91
C LYS A 128 -14.43 5.35 21.49
N GLY A 129 -13.62 4.48 20.91
CA GLY A 129 -13.57 3.05 21.18
C GLY A 129 -13.20 2.31 19.92
N ALA A 130 -13.30 0.99 19.94
CA ALA A 130 -12.92 0.15 18.79
C ALA A 130 -14.06 -0.19 17.82
N PHE A 131 -15.30 0.12 18.24
CA PHE A 131 -16.48 -0.23 17.47
C PHE A 131 -17.48 0.92 17.42
N PRO A 132 -17.97 1.28 16.21
CA PRO A 132 -17.63 0.72 14.88
C PRO A 132 -16.14 0.88 14.53
N PRO A 133 -15.60 -0.03 13.69
CA PRO A 133 -14.18 0.03 13.34
C PRO A 133 -13.91 1.15 12.35
N THR A 134 -12.63 1.43 12.14
CA THR A 134 -12.21 2.52 11.26
C THR A 134 -12.74 2.30 9.84
N ALA A 135 -13.22 3.39 9.25
CA ALA A 135 -13.75 3.34 7.89
C ALA A 135 -12.68 2.85 6.92
N ARG A 136 -13.16 2.13 5.90
CA ARG A 136 -12.28 1.73 4.79
C ARG A 136 -13.04 1.82 3.46
N SER A 137 -12.28 2.06 2.39
CA SER A 137 -12.85 2.18 1.06
C SER A 137 -12.12 1.22 0.16
N MSE A 138 -12.86 0.30 -0.46
CA MSE A 138 -12.29 -0.61 -1.44
C MSE A 138 -12.37 0.11 -2.75
O MSE A 138 -13.47 0.38 -3.25
CB MSE A 138 -13.00 -1.95 -1.49
CG MSE A 138 -12.44 -2.71 -0.31
SE MSE A 138 -13.59 -4.27 -0.20
CE MSE A 138 -15.13 -3.43 0.69
N ILE A 139 -11.19 0.41 -3.26
CA ILE A 139 -11.06 1.21 -4.50
C ILE A 139 -10.53 0.35 -5.63
N PHE A 140 -11.35 0.23 -6.67
CA PHE A 140 -11.00 -0.58 -7.82
C PHE A 140 -10.59 0.34 -8.99
N VAL A 141 -9.37 0.14 -9.47
CA VAL A 141 -8.79 0.98 -10.54
C VAL A 141 -8.82 0.21 -11.84
N THR A 142 -9.56 0.74 -12.81
CA THR A 142 -9.66 0.07 -14.10
C THR A 142 -8.47 0.47 -14.97
N GLU A 143 -8.32 -0.17 -16.13
CA GLU A 143 -7.16 0.01 -17.01
C GLU A 143 -6.97 1.45 -17.51
N ASP A 144 -8.08 2.17 -17.64
CA ASP A 144 -8.06 3.59 -18.03
C ASP A 144 -7.63 4.52 -16.89
N GLY A 145 -7.42 3.93 -15.70
CA GLY A 145 -6.96 4.69 -14.54
C GLY A 145 -8.09 5.26 -13.69
N GLU A 146 -9.33 5.05 -14.11
CA GLU A 146 -10.49 5.49 -13.33
C GLU A 146 -10.56 4.71 -12.04
N ARG A 147 -11.13 5.33 -11.01
CA ARG A 147 -11.28 4.65 -9.71
CA ARG A 147 -11.27 4.70 -9.69
C ARG A 147 -12.73 4.63 -9.23
N SER A 148 -13.13 3.49 -8.66
CA SER A 148 -14.50 3.29 -8.27
C SER A 148 -14.44 2.82 -6.83
N MSE A 149 -15.05 3.60 -5.95
CA MSE A 149 -14.82 3.45 -4.49
C MSE A 149 -16.03 2.87 -3.84
O MSE A 149 -17.17 3.15 -4.21
CB MSE A 149 -14.46 4.76 -3.81
CG MSE A 149 -13.48 5.53 -4.71
SE MSE A 149 -12.69 7.00 -3.70
CE MSE A 149 -14.28 8.14 -3.69
N ASN A 150 -15.77 2.03 -2.83
CA ASN A 150 -16.83 1.28 -2.12
C ASN A 150 -16.53 1.41 -0.66
N THR A 151 -17.31 2.27 0.01
CA THR A 151 -16.91 2.83 1.29
C THR A 151 -17.84 2.40 2.41
N TYR A 152 -17.24 1.75 3.41
CA TYR A 152 -17.94 1.48 4.66
C TYR A 152 -17.49 2.54 5.66
N LEU A 153 -18.45 3.36 6.09
CA LEU A 153 -18.13 4.51 6.93
C LEU A 153 -17.66 4.20 8.35
N GLY A 154 -18.08 3.05 8.88
CA GLY A 154 -17.62 2.66 10.22
C GLY A 154 -17.65 3.79 11.25
N ALA A 155 -16.51 4.05 11.88
CA ALA A 155 -16.41 5.06 12.94
C ALA A 155 -16.64 6.49 12.46
N CYS A 156 -16.63 6.71 11.15
CA CYS A 156 -16.97 8.05 10.66
C CYS A 156 -18.37 8.51 11.08
N VAL A 157 -19.26 7.57 11.42
CA VAL A 157 -20.63 7.96 11.80
C VAL A 157 -20.67 8.65 13.19
N GLU A 158 -19.57 8.55 13.93
CA GLU A 158 -19.49 9.14 15.26
C GLU A 158 -18.89 10.55 15.31
N LEU A 159 -18.39 11.06 14.17
CA LEU A 159 -17.91 12.45 14.13
C LEU A 159 -19.09 13.39 14.41
N GLY A 160 -18.87 14.31 15.33
CA GLY A 160 -19.92 15.25 15.72
C GLY A 160 -19.32 16.53 16.28
N PRO A 161 -20.20 17.43 16.78
CA PRO A 161 -19.77 18.70 17.39
C PRO A 161 -18.73 18.59 18.49
N GLU A 162 -18.73 17.48 19.26
CA GLU A 162 -17.72 17.24 20.29
C GLU A 162 -16.27 17.19 19.73
N ASP A 163 -16.15 16.95 18.42
CA ASP A 163 -14.85 16.79 17.78
C ASP A 163 -14.33 18.10 17.20
N VAL A 164 -15.07 19.17 17.40
CA VAL A 164 -14.65 20.48 16.92
C VAL A 164 -13.67 21.09 17.92
N GLU A 165 -12.41 21.20 17.51
CA GLU A 165 -11.39 21.91 18.28
C GLU A 165 -11.53 23.40 17.91
N ALA A 166 -12.28 24.12 18.74
CA ALA A 166 -12.67 25.50 18.44
C ALA A 166 -11.49 26.44 18.20
N ASP A 167 -10.43 26.26 18.99
CA ASP A 167 -9.19 27.06 18.87
C ASP A 167 -8.52 26.85 17.52
N VAL A 168 -8.60 25.61 17.03
CA VAL A 168 -8.01 25.27 15.73
C VAL A 168 -8.78 25.98 14.61
N VAL A 169 -10.12 25.89 14.63
CA VAL A 169 -10.95 26.59 13.65
C VAL A 169 -10.69 28.11 13.69
N ALA A 170 -10.71 28.67 14.90
CA ALA A 170 -10.46 30.10 15.10
C ALA A 170 -9.11 30.55 14.54
N ASP A 171 -8.12 29.65 14.57
CA ASP A 171 -6.76 29.96 14.14
C ASP A 171 -6.37 29.25 12.83
N ALA A 172 -7.34 29.05 11.94
CA ALA A 172 -7.05 28.56 10.59
C ALA A 172 -7.60 29.51 9.52
N LYS A 173 -6.74 29.87 8.57
CA LYS A 173 -7.15 30.80 7.52
C LYS A 173 -8.35 30.30 6.72
N VAL A 174 -8.35 29.00 6.41
CA VAL A 174 -9.44 28.39 5.69
C VAL A 174 -9.82 27.07 6.40
N THR A 175 -11.12 26.86 6.58
CA THR A 175 -11.62 25.55 6.98
C THR A 175 -12.38 24.99 5.79
N TYR A 176 -11.92 23.83 5.32
CA TYR A 176 -12.41 23.14 4.13
C TYR A 176 -13.02 21.82 4.56
N PHE A 177 -14.16 21.49 3.97
CA PHE A 177 -14.86 20.24 4.33
C PHE A 177 -15.45 19.50 3.13
N GLU A 178 -15.72 18.20 3.30
CA GLU A 178 -16.31 17.38 2.24
C GLU A 178 -17.83 17.43 2.22
N GLY A 179 -18.43 17.55 1.03
CA GLY A 179 -19.84 17.21 0.83
C GLY A 179 -20.15 15.82 1.37
N TYR A 180 -19.15 14.95 1.30
CA TYR A 180 -19.30 13.58 1.77
C TYR A 180 -19.75 13.52 3.23
N LEU A 181 -19.47 14.55 4.01
CA LEU A 181 -19.88 14.59 5.43
C LEU A 181 -21.38 14.61 5.64
N TRP A 182 -22.16 14.89 4.59
CA TRP A 182 -23.61 14.88 4.72
C TRP A 182 -24.23 13.46 4.84
N ASP A 183 -23.43 12.44 4.56
CA ASP A 183 -23.90 11.06 4.68
C ASP A 183 -23.98 10.58 6.14
N PRO A 184 -22.88 10.70 6.91
CA PRO A 184 -23.01 10.33 8.35
C PRO A 184 -23.94 11.27 9.09
N PRO A 185 -24.50 10.83 10.23
CA PRO A 185 -25.64 11.57 10.78
C PRO A 185 -25.38 12.94 11.41
N ARG A 186 -24.27 13.07 12.12
CA ARG A 186 -24.04 14.26 12.97
CA ARG A 186 -24.04 14.25 12.97
C ARG A 186 -22.89 15.16 12.52
N ALA A 187 -22.16 14.74 11.49
CA ALA A 187 -21.03 15.53 10.99
C ALA A 187 -21.42 16.95 10.55
N LYS A 188 -22.59 17.08 9.91
CA LYS A 188 -23.13 18.39 9.51
C LYS A 188 -23.20 19.40 10.67
N GLU A 189 -23.57 18.94 11.86
CA GLU A 189 -23.61 19.79 13.04
C GLU A 189 -22.23 20.34 13.39
N ALA A 190 -21.20 19.50 13.28
CA ALA A 190 -19.82 19.93 13.48
C ALA A 190 -19.45 21.02 12.49
N ILE A 191 -19.85 20.82 11.22
CA ILE A 191 -19.55 21.76 10.14
C ILE A 191 -20.23 23.11 10.37
N LEU A 192 -21.50 23.08 10.78
CA LEU A 192 -22.19 24.34 11.13
C LEU A 192 -21.52 25.07 12.29
N ASP A 193 -21.03 24.33 13.29
CA ASP A 193 -20.23 24.92 14.36
C ASP A 193 -18.93 25.54 13.82
N CYS A 194 -18.27 24.83 12.89
CA CYS A 194 -17.06 25.31 12.24
C CYS A 194 -17.30 26.63 11.48
N ALA A 195 -18.36 26.68 10.68
CA ALA A 195 -18.71 27.87 9.92
C ALA A 195 -18.91 29.07 10.84
N ARG A 196 -19.55 28.85 11.99
CA ARG A 196 -19.81 29.93 12.94
C ARG A 196 -18.51 30.50 13.50
N ILE A 197 -17.64 29.59 13.98
CA ILE A 197 -16.38 29.97 14.60
C ILE A 197 -15.45 30.63 13.57
N ALA A 198 -15.31 29.99 12.41
CA ALA A 198 -14.49 30.50 11.33
C ALA A 198 -14.86 31.95 10.98
N HIS A 199 -16.13 32.18 10.69
CA HIS A 199 -16.62 33.50 10.29
C HIS A 199 -16.58 34.53 11.41
N GLN A 200 -16.78 34.11 12.66
CA GLN A 200 -16.66 35.03 13.80
C GLN A 200 -15.22 35.55 13.97
N HIS A 201 -14.26 34.74 13.51
CA HIS A 201 -12.83 35.06 13.61
C HIS A 201 -12.24 35.53 12.27
N GLY A 202 -13.12 35.87 11.32
CA GLY A 202 -12.71 36.48 10.05
C GLY A 202 -12.04 35.56 9.03
N ARG A 203 -12.25 34.26 9.20
CA ARG A 203 -11.67 33.27 8.30
C ARG A 203 -12.65 32.87 7.21
N GLU A 204 -12.21 31.99 6.31
CA GLU A 204 -13.06 31.57 5.20
C GLU A 204 -13.39 30.10 5.27
N MSE A 205 -14.56 29.76 4.75
CA MSE A 205 -15.06 28.39 4.73
C MSE A 205 -15.06 27.91 3.32
O MSE A 205 -15.41 28.65 2.39
CB MSE A 205 -16.51 28.31 5.20
CG MSE A 205 -16.71 28.61 6.68
SE MSE A 205 -15.80 27.22 7.73
CE MSE A 205 -16.76 25.60 7.11
N SER A 206 -14.68 26.65 3.14
CA SER A 206 -14.64 26.05 1.81
C SER A 206 -15.23 24.65 1.84
N MSE A 207 -15.81 24.24 0.72
CA MSE A 207 -16.26 22.86 0.58
C MSE A 207 -15.99 22.31 -0.78
O MSE A 207 -15.84 23.06 -1.75
CB MSE A 207 -17.73 22.70 0.94
CG MSE A 207 -18.61 22.94 -0.27
SE MSE A 207 -20.48 22.67 0.23
CE MSE A 207 -20.50 20.70 0.29
N THR A 208 -15.93 20.99 -0.85
CA THR A 208 -15.95 20.29 -2.10
C THR A 208 -17.28 19.55 -2.23
N LEU A 209 -17.82 19.52 -3.44
CA LEU A 209 -19.05 18.83 -3.75
C LEU A 209 -18.87 17.29 -3.73
N SER A 210 -17.61 16.86 -3.74
CA SER A 210 -17.19 15.47 -3.47
C SER A 210 -17.47 14.42 -4.53
N ASP A 211 -18.72 14.32 -4.95
CA ASP A 211 -19.17 13.27 -5.84
C ASP A 211 -20.54 13.63 -6.43
N SER A 212 -20.74 13.38 -7.72
CA SER A 212 -22.03 13.73 -8.37
C SER A 212 -23.27 13.11 -7.73
N PHE A 213 -23.15 11.87 -7.23
CA PHE A 213 -24.27 11.23 -6.53
C PHE A 213 -24.47 11.82 -5.15
N CYS A 214 -23.37 12.18 -4.50
CA CYS A 214 -23.44 12.89 -3.20
C CYS A 214 -24.21 14.19 -3.42
N VAL A 215 -23.88 14.88 -4.51
CA VAL A 215 -24.65 16.08 -4.91
C VAL A 215 -26.14 15.77 -5.15
N ASP A 216 -26.44 14.66 -5.83
CA ASP A 216 -27.82 14.25 -6.05
C ASP A 216 -28.53 14.13 -4.70
N ARG A 217 -27.81 13.62 -3.70
CA ARG A 217 -28.41 13.37 -2.39
C ARG A 217 -28.68 14.65 -1.59
N TYR A 218 -27.81 15.65 -1.73
CA TYR A 218 -27.84 16.81 -0.82
C TYR A 218 -27.82 18.17 -1.53
N ARG A 219 -28.27 18.12 -2.78
CA ARG A 219 -28.32 19.29 -3.67
CA ARG A 219 -28.31 19.29 -3.66
C ARG A 219 -28.86 20.54 -2.97
N GLY A 220 -30.06 20.44 -2.40
CA GLY A 220 -30.70 21.60 -1.76
C GLY A 220 -29.89 22.12 -0.58
N GLU A 221 -29.36 21.19 0.22
CA GLU A 221 -28.56 21.56 1.38
C GLU A 221 -27.23 22.21 1.02
N PHE A 222 -26.56 21.69 -0.01
CA PHE A 222 -25.33 22.33 -0.52
C PHE A 222 -25.59 23.73 -1.04
N LEU A 223 -26.67 23.91 -1.81
CA LEU A 223 -27.02 25.25 -2.33
C LEU A 223 -27.29 26.21 -1.18
N ASP A 224 -27.95 25.71 -0.14
CA ASP A 224 -28.25 26.53 1.03
C ASP A 224 -26.96 26.95 1.75
N LEU A 225 -26.00 26.03 1.90
CA LEU A 225 -24.70 26.39 2.48
C LEU A 225 -24.04 27.55 1.72
N MSE A 226 -24.12 27.50 0.40
CA MSE A 226 -23.51 28.54 -0.44
C MSE A 226 -24.25 29.85 -0.38
O MSE A 226 -23.67 30.90 -0.08
CB MSE A 226 -23.44 28.00 -1.87
CG MSE A 226 -22.47 26.82 -1.96
SE MSE A 226 -22.79 25.86 -3.65
CE MSE A 226 -22.09 27.13 -4.98
N ARG A 227 -25.56 29.81 -0.64
CA ARG A 227 -26.40 31.02 -0.62
C ARG A 227 -26.53 31.70 0.76
N SER A 228 -26.50 30.92 1.84
CA SER A 228 -26.50 31.53 3.18
C SER A 228 -25.14 32.11 3.58
N GLY A 229 -24.11 31.82 2.76
CA GLY A 229 -22.76 32.32 3.00
C GLY A 229 -21.98 31.53 4.04
N LYS A 230 -22.49 30.35 4.40
CA LYS A 230 -21.76 29.48 5.32
C LYS A 230 -20.50 28.94 4.64
N VAL A 231 -20.55 28.80 3.32
CA VAL A 231 -19.40 28.42 2.48
CA VAL A 231 -19.34 28.50 2.56
C VAL A 231 -19.00 29.61 1.58
N ASP A 232 -17.71 29.95 1.56
CA ASP A 232 -17.19 31.02 0.71
C ASP A 232 -16.54 30.52 -0.58
N ILE A 233 -15.87 29.36 -0.52
CA ILE A 233 -15.16 28.84 -1.70
C ILE A 233 -15.59 27.40 -1.97
N VAL A 234 -16.05 27.14 -3.19
CA VAL A 234 -16.56 25.82 -3.56
CA VAL A 234 -16.55 25.82 -3.54
C VAL A 234 -15.67 25.16 -4.61
N PHE A 235 -15.38 23.87 -4.40
CA PHE A 235 -14.67 23.05 -5.35
C PHE A 235 -15.65 22.07 -5.99
N ALA A 236 -15.54 21.90 -7.29
CA ALA A 236 -16.35 20.96 -8.05
C ALA A 236 -15.60 20.46 -9.27
N ASN A 237 -15.97 19.28 -9.74
CA ASN A 237 -15.59 18.85 -11.08
C ASN A 237 -16.78 19.05 -12.01
N ARG A 238 -16.59 18.78 -13.29
CA ARG A 238 -17.62 19.03 -14.29
C ARG A 238 -18.94 18.33 -13.90
N GLN A 239 -18.85 17.03 -13.55
CA GLN A 239 -20.05 16.26 -13.29
C GLN A 239 -20.79 16.76 -12.06
N GLU A 240 -20.03 17.15 -11.03
CA GLU A 240 -20.65 17.69 -9.81
C GLU A 240 -21.37 19.00 -10.10
N ALA A 241 -20.76 19.84 -10.94
CA ALA A 241 -21.35 21.14 -11.26
C ALA A 241 -22.62 20.98 -12.08
N LEU A 242 -22.60 20.05 -13.03
CA LEU A 242 -23.81 19.67 -13.78
C LEU A 242 -24.92 19.12 -12.87
N SER A 243 -24.52 18.27 -11.92
N SER A 243 -24.52 18.27 -11.91
CA SER A 243 -25.47 17.66 -10.99
CA SER A 243 -25.46 17.65 -10.98
C SER A 243 -26.09 18.68 -10.06
C SER A 243 -26.08 18.66 -10.03
N LEU A 244 -25.29 19.67 -9.64
CA LEU A 244 -25.76 20.69 -8.71
C LEU A 244 -26.97 21.44 -9.26
N TYR A 245 -26.96 21.69 -10.56
CA TYR A 245 -28.04 22.43 -11.22
C TYR A 245 -28.94 21.54 -12.11
N GLN A 246 -28.71 20.23 -12.08
CA GLN A 246 -29.43 19.25 -12.89
C GLN A 246 -29.53 19.68 -14.34
N THR A 247 -28.36 19.99 -14.89
CA THR A 247 -28.27 20.47 -16.24
C THR A 247 -27.24 19.67 -17.03
N ASP A 248 -27.42 19.65 -18.36
CA ASP A 248 -26.40 19.13 -19.26
C ASP A 248 -25.58 20.26 -19.89
N ASP A 249 -25.93 21.49 -19.52
CA ASP A 249 -25.29 22.69 -20.03
C ASP A 249 -24.18 23.18 -19.10
N PHE A 250 -22.93 22.90 -19.44
CA PHE A 250 -21.80 23.30 -18.60
C PHE A 250 -21.67 24.82 -18.43
N GLU A 251 -21.97 25.57 -19.48
CA GLU A 251 -21.92 27.03 -19.39
C GLU A 251 -22.96 27.61 -18.42
N GLU A 252 -24.16 27.01 -18.38
CA GLU A 252 -25.16 27.32 -17.36
C GLU A 252 -24.63 26.99 -15.94
N ALA A 253 -24.04 25.80 -15.79
CA ALA A 253 -23.50 25.39 -14.50
C ALA A 253 -22.46 26.37 -13.96
N LEU A 254 -21.54 26.82 -14.83
CA LEU A 254 -20.53 27.81 -14.44
C LEU A 254 -21.17 29.16 -14.07
N ASN A 255 -22.14 29.59 -14.87
CA ASN A 255 -22.84 30.85 -14.58
C ASN A 255 -23.55 30.80 -13.22
N ARG A 256 -24.21 29.68 -12.95
CA ARG A 256 -24.98 29.55 -11.70
C ARG A 256 -24.08 29.40 -10.47
N ILE A 257 -23.02 28.59 -10.61
CA ILE A 257 -22.12 28.38 -9.48
C ILE A 257 -21.42 29.69 -9.09
N ALA A 258 -21.07 30.49 -10.09
CA ALA A 258 -20.49 31.80 -9.84
C ALA A 258 -21.44 32.76 -9.13
N ALA A 259 -22.75 32.62 -9.38
CA ALA A 259 -23.77 33.41 -8.69
C ALA A 259 -24.03 32.93 -7.24
N ASP A 260 -23.75 31.65 -6.97
CA ASP A 260 -24.10 31.04 -5.68
C ASP A 260 -23.01 31.07 -4.61
N CYS A 261 -21.76 31.30 -5.01
CA CYS A 261 -20.66 31.36 -4.04
CA CYS A 261 -20.61 31.28 -4.10
C CYS A 261 -19.64 32.44 -4.42
N LYS A 262 -18.84 32.87 -3.45
CA LYS A 262 -17.87 33.94 -3.67
C LYS A 262 -16.78 33.51 -4.65
N ILE A 263 -16.24 32.33 -4.43
CA ILE A 263 -15.24 31.74 -5.34
C ILE A 263 -15.57 30.27 -5.62
N ALA A 264 -15.48 29.91 -6.90
CA ALA A 264 -15.69 28.55 -7.36
C ALA A 264 -14.49 28.07 -8.15
N ALA A 265 -14.03 26.88 -7.84
CA ALA A 265 -12.94 26.28 -8.59
C ALA A 265 -13.49 25.02 -9.23
N VAL A 266 -13.54 25.01 -10.56
CA VAL A 266 -14.17 23.92 -11.29
C VAL A 266 -13.15 23.19 -12.14
N THR A 267 -12.89 21.93 -11.78
CA THR A 267 -11.93 21.11 -12.52
C THR A 267 -12.61 20.42 -13.70
N MSE A 268 -11.85 20.27 -14.80
CA MSE A 268 -12.38 19.63 -16.00
C MSE A 268 -11.43 18.58 -16.53
O MSE A 268 -11.17 18.52 -17.74
CB MSE A 268 -12.59 20.67 -17.09
CG MSE A 268 -13.47 21.80 -16.56
SE MSE A 268 -13.44 23.25 -17.88
CE MSE A 268 -11.58 23.89 -17.68
N SER A 269 -10.92 17.75 -15.61
CA SER A 269 -10.07 16.61 -15.94
C SER A 269 -8.88 17.04 -16.83
N GLU A 270 -8.70 16.38 -17.97
CA GLU A 270 -7.59 16.65 -18.88
C GLU A 270 -7.62 18.08 -19.46
N ASN A 271 -8.77 18.74 -19.31
CA ASN A 271 -8.95 20.12 -19.77
C ASN A 271 -8.62 21.15 -18.70
N GLY A 272 -8.05 20.67 -17.60
CA GLY A 272 -7.56 21.54 -16.55
C GLY A 272 -8.66 22.00 -15.63
N ALA A 273 -8.82 23.31 -15.52
CA ALA A 273 -9.76 23.90 -14.57
C ALA A 273 -10.09 25.35 -14.90
N VAL A 274 -11.17 25.83 -14.29
CA VAL A 274 -11.56 27.22 -14.42
C VAL A 274 -11.90 27.76 -13.04
N ILE A 275 -11.33 28.91 -12.71
CA ILE A 275 -11.57 29.54 -11.43
C ILE A 275 -12.51 30.72 -11.68
N LEU A 276 -13.55 30.81 -10.84
CA LEU A 276 -14.57 31.84 -11.00
C LEU A 276 -14.71 32.70 -9.76
N LYS A 277 -14.79 34.01 -9.97
CA LYS A 277 -15.05 34.95 -8.89
C LYS A 277 -15.86 36.12 -9.44
N GLY A 278 -17.14 36.16 -9.08
CA GLY A 278 -18.06 37.15 -9.63
C GLY A 278 -18.12 36.96 -11.13
N ARG A 279 -17.66 37.97 -11.87
CA ARG A 279 -17.60 37.91 -13.33
C ARG A 279 -16.23 37.46 -13.87
N GLU A 280 -15.23 37.40 -12.99
CA GLU A 280 -13.89 36.97 -13.39
C GLU A 280 -13.85 35.47 -13.69
N ARG A 281 -13.15 35.10 -14.76
CA ARG A 281 -12.88 33.70 -15.09
CA ARG A 281 -12.89 33.70 -15.09
C ARG A 281 -11.41 33.51 -15.39
N TYR A 282 -10.78 32.51 -14.75
CA TYR A 282 -9.37 32.18 -15.04
C TYR A 282 -9.22 30.71 -15.41
N TYR A 283 -8.88 30.46 -16.67
CA TYR A 283 -8.67 29.11 -17.19
C TYR A 283 -7.23 28.67 -17.03
N VAL A 284 -7.07 27.46 -16.49
CA VAL A 284 -5.76 26.85 -16.23
CA VAL A 284 -5.75 26.87 -16.29
C VAL A 284 -5.65 25.51 -16.97
N ASN A 285 -4.53 25.26 -17.64
CA ASN A 285 -4.29 23.97 -18.27
C ASN A 285 -3.86 22.88 -17.31
N ALA A 286 -4.25 21.65 -17.64
CA ALA A 286 -3.67 20.47 -17.00
C ALA A 286 -2.21 20.33 -17.43
N ILE A 287 -1.38 19.80 -16.53
CA ILE A 287 0.03 19.52 -16.81
C ILE A 287 0.15 18.32 -17.76
N ARG A 288 1.29 18.19 -18.43
CA ARG A 288 1.56 17.00 -19.23
C ARG A 288 1.90 15.83 -18.30
N ILE A 289 1.33 14.67 -18.61
CA ILE A 289 1.51 13.48 -17.78
C ILE A 289 2.01 12.29 -18.61
N ARG A 290 2.82 11.44 -17.99
CA ARG A 290 3.28 10.19 -18.60
C ARG A 290 2.08 9.31 -18.95
N GLU A 291 1.24 9.06 -17.94
CA GLU A 291 0.12 8.15 -18.06
C GLU A 291 -0.78 8.39 -16.87
N VAL A 292 -2.08 8.13 -17.04
CA VAL A 292 -3.01 8.08 -15.90
C VAL A 292 -2.92 6.69 -15.27
N VAL A 293 -2.11 6.57 -14.23
CA VAL A 293 -1.94 5.35 -13.46
C VAL A 293 -3.17 5.06 -12.57
N ASP A 294 -3.64 6.08 -11.85
CA ASP A 294 -4.75 5.94 -10.90
C ASP A 294 -5.22 7.34 -10.53
N THR A 295 -6.45 7.68 -10.93
CA THR A 295 -7.02 9.01 -10.69
C THR A 295 -7.38 9.31 -9.22
N THR A 296 -7.27 8.31 -8.34
CA THR A 296 -7.65 8.52 -6.93
C THR A 296 -6.87 9.68 -6.34
N GLY A 297 -7.59 10.63 -5.76
CA GLY A 297 -6.97 11.79 -5.14
C GLY A 297 -6.83 13.07 -5.99
N ALA A 298 -7.14 12.98 -7.29
CA ALA A 298 -6.93 14.12 -8.24
C ALA A 298 -7.59 15.39 -7.73
N GLY A 299 -8.90 15.30 -7.50
CA GLY A 299 -9.67 16.41 -6.97
C GLY A 299 -9.14 16.91 -5.64
N ASP A 300 -8.81 15.97 -4.74
CA ASP A 300 -8.31 16.33 -3.42
C ASP A 300 -7.07 17.15 -3.49
N LEU A 301 -6.13 16.72 -4.34
CA LEU A 301 -4.83 17.37 -4.44
C LEU A 301 -4.94 18.65 -5.26
N PHE A 302 -5.92 18.72 -6.16
CA PHE A 302 -6.21 20.02 -6.80
C PHE A 302 -6.53 21.03 -5.69
N ALA A 303 -7.38 20.62 -4.74
CA ALA A 303 -7.75 21.46 -3.61
C ALA A 303 -6.54 21.82 -2.76
N SER A 304 -5.64 20.85 -2.52
CA SER A 304 -4.38 21.11 -1.83
C SER A 304 -3.61 22.26 -2.47
N GLY A 305 -3.35 22.14 -3.77
CA GLY A 305 -2.56 23.14 -4.51
C GLY A 305 -3.27 24.49 -4.48
N PHE A 306 -4.57 24.47 -4.75
CA PHE A 306 -5.35 25.70 -4.75
C PHE A 306 -5.32 26.41 -3.41
N LEU A 307 -5.63 25.66 -2.36
CA LEU A 307 -5.72 26.26 -1.04
C LEU A 307 -4.38 26.67 -0.45
N TYR A 308 -3.31 25.92 -0.78
CA TYR A 308 -1.95 26.33 -0.47
C TYR A 308 -1.68 27.70 -1.11
N GLY A 309 -1.85 27.79 -2.43
CA GLY A 309 -1.66 29.06 -3.12
C GLY A 309 -2.49 30.19 -2.52
N TYR A 310 -3.75 29.88 -2.24
CA TYR A 310 -4.71 30.88 -1.73
C TYR A 310 -4.30 31.49 -0.38
N THR A 311 -3.86 30.64 0.52
CA THR A 311 -3.42 31.06 1.85
C THR A 311 -1.99 31.60 1.87
N GLN A 312 -1.30 31.47 0.73
CA GLN A 312 -0.01 32.15 0.52
C GLN A 312 -0.20 33.49 -0.19
N GLY A 313 -1.45 33.87 -0.42
CA GLY A 313 -1.79 35.17 -1.00
C GLY A 313 -1.58 35.26 -2.51
N ARG A 314 -1.45 34.11 -3.17
CA ARG A 314 -1.23 34.04 -4.61
C ARG A 314 -2.49 34.41 -5.40
N SER A 315 -2.31 34.76 -6.67
CA SER A 315 -3.45 35.04 -7.54
C SER A 315 -4.29 33.78 -7.75
N LEU A 316 -5.58 33.96 -7.99
CA LEU A 316 -6.47 32.84 -8.37
C LEU A 316 -5.92 31.98 -9.52
N GLU A 317 -5.36 32.60 -10.58
CA GLU A 317 -4.74 31.82 -11.66
C GLU A 317 -3.60 30.91 -11.17
N ASP A 318 -2.66 31.49 -10.41
CA ASP A 318 -1.57 30.71 -9.81
C ASP A 318 -2.08 29.67 -8.82
N CYS A 319 -3.18 29.98 -8.14
CA CYS A 319 -3.86 28.97 -7.30
C CYS A 319 -4.33 27.76 -8.14
N GLY A 320 -4.97 28.04 -9.28
CA GLY A 320 -5.35 27.01 -10.23
C GLY A 320 -4.14 26.25 -10.76
N LYS A 321 -3.06 26.97 -11.10
CA LYS A 321 -1.84 26.31 -11.57
C LYS A 321 -1.25 25.34 -10.53
N LEU A 322 -1.20 25.79 -9.27
CA LEU A 322 -0.68 24.94 -8.20
C LEU A 322 -1.59 23.71 -8.01
N GLY A 323 -2.90 23.93 -8.13
CA GLY A 323 -3.88 22.85 -8.08
C GLY A 323 -3.67 21.83 -9.18
N CYS A 324 -3.50 22.29 -10.41
CA CYS A 324 -3.29 21.37 -11.53
C CYS A 324 -1.99 20.59 -11.45
N LEU A 325 -0.94 21.24 -10.94
CA LEU A 325 0.35 20.57 -10.71
C LEU A 325 0.20 19.44 -9.70
N ALA A 326 -0.40 19.75 -8.54
CA ALA A 326 -0.55 18.73 -7.47
C ALA A 326 -1.41 17.54 -7.93
N ALA A 327 -2.54 17.83 -8.55
CA ALA A 327 -3.42 16.82 -9.13
C ALA A 327 -2.74 15.96 -10.22
N GLY A 328 -2.02 16.61 -11.12
CA GLY A 328 -1.30 15.88 -12.17
C GLY A 328 -0.27 14.89 -11.62
N ILE A 329 0.43 15.29 -10.56
CA ILE A 329 1.39 14.41 -9.88
C ILE A 329 0.68 13.19 -9.25
N VAL A 330 -0.39 13.42 -8.48
CA VAL A 330 -1.03 12.31 -7.78
C VAL A 330 -1.60 11.23 -8.72
N ILE A 331 -2.07 11.59 -9.92
CA ILE A 331 -2.69 10.59 -10.81
C ILE A 331 -1.68 9.68 -11.51
N GLN A 332 -0.40 10.00 -11.33
CA GLN A 332 0.69 9.25 -11.93
C GLN A 332 1.29 8.24 -10.97
N GLN A 333 0.61 8.01 -9.85
CA GLN A 333 1.08 7.03 -8.88
C GLN A 333 -0.11 6.28 -8.32
N ILE A 334 0.15 5.09 -7.79
CA ILE A 334 -0.84 4.38 -6.99
C ILE A 334 -0.85 4.99 -5.58
N GLY A 335 -2.04 5.23 -5.03
CA GLY A 335 -2.12 5.87 -3.71
C GLY A 335 -2.61 7.30 -3.82
N PRO A 336 -3.42 7.76 -2.86
CA PRO A 336 -4.06 9.06 -3.01
C PRO A 336 -3.29 10.25 -2.46
N ARG A 337 -2.12 10.01 -1.91
CA ARG A 337 -1.31 11.06 -1.31
C ARG A 337 0.07 11.00 -1.96
N PRO A 338 0.47 12.10 -2.63
CA PRO A 338 1.76 12.07 -3.29
C PRO A 338 2.90 11.63 -2.38
N MSE A 339 3.70 10.69 -2.88
CA MSE A 339 4.88 10.18 -2.16
C MSE A 339 6.11 11.02 -2.38
O MSE A 339 7.11 10.87 -1.68
CB MSE A 339 5.14 8.75 -2.63
CG MSE A 339 4.06 7.83 -2.06
SE MSE A 339 4.26 6.02 -2.80
CE MSE A 339 3.76 6.36 -4.67
N THR A 340 6.02 11.94 -3.35
CA THR A 340 7.13 12.82 -3.71
C THR A 340 6.89 14.23 -3.19
N SER A 341 7.92 15.05 -3.19
CA SER A 341 7.84 16.40 -2.67
C SER A 341 7.10 17.33 -3.64
N LEU A 342 5.95 17.83 -3.20
CA LEU A 342 5.17 18.74 -4.01
C LEU A 342 5.82 20.12 -4.06
N SER A 343 6.45 20.50 -2.95
CA SER A 343 7.18 21.77 -2.88
C SER A 343 8.33 21.81 -3.89
N GLU A 344 9.10 20.72 -3.96
CA GLU A 344 10.17 20.58 -4.96
C GLU A 344 9.59 20.69 -6.36
N ALA A 345 8.52 19.93 -6.62
CA ALA A 345 7.83 19.98 -7.91
C ALA A 345 7.37 21.40 -8.25
N ALA A 346 6.77 22.07 -7.27
CA ALA A 346 6.36 23.47 -7.41
C ALA A 346 7.54 24.41 -7.72
N LYS A 347 8.66 24.24 -7.02
CA LYS A 347 9.87 25.05 -7.30
C LYS A 347 10.39 24.77 -8.70
N GLN A 348 10.43 23.49 -9.06
CA GLN A 348 10.87 23.07 -10.39
C GLN A 348 9.98 23.61 -11.52
N ALA A 349 8.68 23.69 -11.27
CA ALA A 349 7.74 24.14 -12.29
C ALA A 349 7.63 25.67 -12.36
N GLY A 350 8.46 26.37 -11.58
CA GLY A 350 8.48 27.83 -11.55
C GLY A 350 7.26 28.48 -10.92
N LEU A 351 6.59 27.78 -10.00
CA LEU A 351 5.46 28.31 -9.27
C LEU A 351 5.84 28.70 -7.84
N ILE A 352 6.89 28.05 -7.33
CA ILE A 352 7.54 28.40 -6.06
C ILE A 352 6.56 28.66 -4.92
N MSE B 23 -1.98 -37.30 -9.71
CA MSE B 23 -1.86 -35.82 -9.59
C MSE B 23 -1.44 -35.50 -8.21
O MSE B 23 -1.60 -36.32 -7.29
CB MSE B 23 -3.20 -35.17 -9.81
CG MSE B 23 -3.59 -35.27 -11.27
SE MSE B 23 -5.53 -35.06 -11.36
CE MSE B 23 -6.12 -36.59 -10.27
N THR B 24 -0.90 -34.31 -8.03
CA THR B 24 -0.53 -33.82 -6.72
C THR B 24 -1.29 -32.53 -6.50
N ARG B 25 -1.90 -32.39 -5.32
CA ARG B 25 -2.71 -31.24 -5.01
C ARG B 25 -1.93 -29.95 -5.13
N PHE B 26 -0.68 -29.97 -4.69
CA PHE B 26 0.16 -28.76 -4.65
C PHE B 26 1.50 -28.94 -5.32
N ASP B 27 1.90 -27.92 -6.07
CA ASP B 27 3.27 -27.86 -6.54
C ASP B 27 4.24 -27.42 -5.47
N VAL B 28 3.90 -26.32 -4.77
CA VAL B 28 4.80 -25.73 -3.79
C VAL B 28 4.04 -25.31 -2.54
N LEU B 29 4.46 -25.87 -1.41
CA LEU B 29 4.08 -25.37 -0.12
C LEU B 29 5.22 -24.49 0.39
N THR B 30 4.91 -23.27 0.84
CA THR B 30 5.93 -22.51 1.53
C THR B 30 5.57 -22.31 3.00
N VAL B 31 6.59 -22.09 3.81
CA VAL B 31 6.40 -21.91 5.27
C VAL B 31 7.28 -20.75 5.70
N GLY B 32 6.71 -19.78 6.40
CA GLY B 32 7.49 -18.61 6.80
C GLY B 32 6.81 -17.76 7.86
N ASN B 33 7.51 -16.69 8.24
CA ASN B 33 6.95 -15.65 9.08
C ASN B 33 5.91 -14.81 8.33
N ALA B 34 4.67 -14.86 8.78
CA ALA B 34 3.56 -14.12 8.18
C ALA B 34 3.64 -12.66 8.61
N ILE B 35 3.91 -11.76 7.66
CA ILE B 35 4.22 -10.36 7.97
C ILE B 35 3.47 -9.45 7.02
N VAL B 36 2.99 -8.33 7.59
CA VAL B 36 2.52 -7.20 6.79
C VAL B 36 3.62 -6.15 6.74
N ASP B 37 3.97 -5.70 5.52
CA ASP B 37 4.99 -4.69 5.36
C ASP B 37 4.41 -3.31 5.46
N ILE B 38 5.21 -2.42 6.02
CA ILE B 38 4.90 -1.00 6.16
C ILE B 38 6.09 -0.29 5.49
N ILE B 39 5.82 0.32 4.33
CA ILE B 39 6.88 0.75 3.40
C ILE B 39 6.95 2.25 3.24
N SER B 40 8.18 2.77 3.35
CA SER B 40 8.42 4.18 3.14
C SER B 40 9.80 4.37 2.54
N ARG B 41 9.90 5.41 1.74
CA ARG B 41 11.19 5.81 1.21
C ARG B 41 11.88 6.72 2.24
N CYS B 42 13.20 6.64 2.33
CA CYS B 42 13.96 7.45 3.28
C CYS B 42 15.26 7.87 2.65
N ASN B 43 15.89 8.90 3.21
CA ASN B 43 17.24 9.27 2.80
C ASN B 43 18.28 8.37 3.46
N ASP B 44 19.52 8.46 2.98
CA ASP B 44 20.61 7.61 3.47
C ASP B 44 20.89 7.82 4.96
N GLN B 45 20.87 9.09 5.38
CA GLN B 45 21.15 9.48 6.77
C GLN B 45 20.15 8.89 7.77
N PHE B 46 18.92 8.66 7.35
CA PHE B 46 17.90 8.11 8.26
C PHE B 46 18.36 6.76 8.82
N LEU B 47 18.93 5.93 7.95
CA LEU B 47 19.43 4.62 8.39
C LEU B 47 20.53 4.76 9.44
N ILE B 48 21.47 5.68 9.20
CA ILE B 48 22.59 5.96 10.12
C ILE B 48 22.08 6.52 11.44
N ASP B 49 21.22 7.54 11.37
CA ASP B 49 20.67 8.14 12.59
C ASP B 49 19.94 7.14 13.50
N ASN B 50 19.28 6.15 12.89
CA ASN B 50 18.52 5.12 13.64
C ASN B 50 19.22 3.78 13.79
N GLN B 51 20.49 3.71 13.42
CA GLN B 51 21.30 2.51 13.57
C GLN B 51 20.61 1.27 12.97
N ILE B 52 20.08 1.46 11.75
CA ILE B 52 19.45 0.41 10.95
C ILE B 52 20.48 -0.14 9.99
N THR B 53 20.75 -1.45 10.05
CA THR B 53 21.71 -2.07 9.15
C THR B 53 21.13 -2.09 7.72
N LYS B 54 21.84 -1.45 6.79
CA LYS B 54 21.29 -1.32 5.44
C LYS B 54 21.23 -2.66 4.71
N ALA B 55 20.15 -2.86 3.96
CA ALA B 55 19.94 -4.02 3.12
C ALA B 55 19.68 -5.31 3.90
N ALA B 56 19.51 -5.17 5.21
CA ALA B 56 19.38 -6.38 6.05
C ALA B 56 18.02 -6.41 6.72
N MSE B 57 17.75 -7.57 7.35
CA MSE B 57 16.55 -7.79 8.18
C MSE B 57 17.00 -7.55 9.59
O MSE B 57 17.86 -8.29 10.13
CB MSE B 57 16.06 -9.22 7.93
CG MSE B 57 14.63 -9.45 8.35
SE MSE B 57 14.52 -9.57 10.31
CE MSE B 57 15.54 -11.22 10.57
N ASN B 58 16.47 -6.49 10.19
CA ASN B 58 16.79 -6.06 11.53
C ASN B 58 15.64 -6.47 12.44
N LEU B 59 15.86 -7.45 13.32
CA LEU B 59 14.79 -7.78 14.30
C LEU B 59 14.65 -6.71 15.36
N ILE B 60 13.40 -6.42 15.73
CA ILE B 60 13.11 -5.39 16.71
C ILE B 60 12.03 -5.84 17.69
N ASP B 61 12.09 -5.31 18.90
CA ASP B 61 11.03 -5.56 19.87
C ASP B 61 9.87 -4.57 19.73
N ALA B 62 8.83 -4.74 20.55
CA ALA B 62 7.63 -3.92 20.41
C ALA B 62 7.95 -2.45 20.65
N GLU B 63 8.78 -2.17 21.65
CA GLU B 63 9.10 -0.80 22.01
C GLU B 63 9.82 -0.14 20.83
N ARG B 64 10.79 -0.86 20.27
CA ARG B 64 11.56 -0.29 19.15
C ARG B 64 10.67 -0.09 17.93
N ALA B 65 9.74 -1.03 17.70
CA ALA B 65 8.74 -0.88 16.64
C ALA B 65 7.97 0.44 16.76
N GLU B 66 7.43 0.70 17.95
CA GLU B 66 6.73 1.97 18.24
C GLU B 66 7.63 3.16 17.96
N LEU B 67 8.87 3.08 18.43
CA LEU B 67 9.83 4.16 18.26
C LEU B 67 10.12 4.44 16.78
N LEU B 68 10.50 3.42 16.02
CA LEU B 68 10.81 3.62 14.59
C LEU B 68 9.59 4.11 13.80
N TYR B 69 8.43 3.54 14.11
CA TYR B 69 7.20 4.00 13.49
C TYR B 69 6.97 5.47 13.75
N SER B 70 7.25 5.93 14.96
CA SER B 70 7.04 7.36 15.30
C SER B 70 7.91 8.28 14.44
N ARG B 71 9.02 7.74 13.94
CA ARG B 71 9.98 8.49 13.13
C ARG B 71 9.83 8.30 11.63
N MSE B 72 8.98 7.36 11.24
CA MSE B 72 8.77 6.99 9.83
C MSE B 72 7.79 7.93 9.19
O MSE B 72 6.81 8.36 9.80
CB MSE B 72 8.21 5.57 9.81
CG MSE B 72 8.02 5.10 8.39
SE MSE B 72 7.39 3.27 8.61
CE MSE B 72 8.20 2.48 6.99
N GLY B 73 8.03 8.25 7.91
CA GLY B 73 7.11 9.08 7.15
C GLY B 73 5.80 8.36 6.83
N PRO B 74 4.88 9.01 6.13
CA PRO B 74 3.67 8.34 5.61
C PRO B 74 4.06 7.07 4.86
N ALA B 75 3.30 6.01 5.08
CA ALA B 75 3.66 4.71 4.55
C ALA B 75 2.55 4.05 3.74
N LEU B 76 2.90 2.98 3.03
CA LEU B 76 1.94 2.11 2.38
C LEU B 76 2.06 0.73 3.02
N GLU B 77 0.94 0.02 3.12
CA GLU B 77 0.96 -1.34 3.65
C GLU B 77 0.68 -2.34 2.56
N ALA B 78 1.43 -3.44 2.63
CA ALA B 78 1.26 -4.54 1.68
C ALA B 78 1.65 -5.83 2.37
N SER B 79 0.88 -6.87 2.09
CA SER B 79 1.24 -8.19 2.62
C SER B 79 2.64 -8.56 2.19
N GLY B 80 3.43 -9.04 3.15
CA GLY B 80 4.79 -9.48 2.94
C GLY B 80 5.07 -10.89 3.45
N GLY B 81 6.22 -11.03 4.06
CA GLY B 81 6.73 -12.34 4.48
C GLY B 81 7.39 -13.00 3.27
N SER B 82 8.65 -13.34 3.44
CA SER B 82 9.46 -13.88 2.34
CA SER B 82 9.46 -13.89 2.34
C SER B 82 8.77 -15.07 1.64
N ALA B 83 8.48 -16.12 2.42
CA ALA B 83 7.82 -17.30 1.90
C ALA B 83 6.39 -17.04 1.40
N GLY B 84 5.68 -16.10 2.06
CA GLY B 84 4.38 -15.69 1.59
C GLY B 84 4.43 -15.15 0.17
N ASN B 85 5.41 -14.26 -0.01
CA ASN B 85 5.67 -13.66 -1.33
C ASN B 85 5.97 -14.76 -2.33
N THR B 86 6.82 -15.72 -1.94
CA THR B 86 7.16 -16.81 -2.85
C THR B 86 5.94 -17.65 -3.25
N ALA B 87 5.10 -18.00 -2.26
CA ALA B 87 3.90 -18.72 -2.57
C ALA B 87 2.99 -17.94 -3.53
N ALA B 88 2.86 -16.64 -3.28
CA ALA B 88 2.01 -15.80 -4.09
C ALA B 88 2.54 -15.80 -5.52
N GLY B 89 3.86 -15.76 -5.61
CA GLY B 89 4.55 -15.73 -6.90
C GLY B 89 4.28 -16.98 -7.73
N VAL B 90 4.35 -18.13 -7.06
CA VAL B 90 4.08 -19.42 -7.71
C VAL B 90 2.64 -19.45 -8.23
N ALA B 91 1.69 -19.01 -7.40
CA ALA B 91 0.29 -18.97 -7.80
C ALA B 91 0.06 -18.00 -9.01
N ASN B 92 0.71 -16.85 -8.97
CA ASN B 92 0.68 -15.86 -10.07
C ASN B 92 1.16 -16.50 -11.38
N LEU B 93 2.25 -17.26 -11.30
CA LEU B 93 2.77 -18.00 -12.46
C LEU B 93 1.85 -19.09 -13.02
N GLY B 94 0.95 -19.60 -12.18
CA GLY B 94 -0.01 -20.61 -12.61
C GLY B 94 0.16 -21.92 -11.86
N GLY B 95 1.13 -21.96 -10.95
CA GLY B 95 1.37 -23.16 -10.16
C GLY B 95 0.39 -23.26 -9.01
N LYS B 96 0.37 -24.42 -8.36
CA LYS B 96 -0.55 -24.63 -7.24
C LYS B 96 0.23 -24.51 -5.95
N ALA B 97 -0.14 -23.52 -5.14
CA ALA B 97 0.64 -23.13 -3.96
C ALA B 97 -0.18 -23.20 -2.67
N ALA B 98 0.55 -23.49 -1.59
CA ALA B 98 -0.01 -23.46 -0.25
C ALA B 98 0.97 -22.75 0.66
N TYR B 99 0.49 -22.24 1.80
CA TYR B 99 1.35 -21.51 2.73
C TYR B 99 0.99 -21.85 4.17
N PHE B 100 2.01 -22.03 4.99
CA PHE B 100 1.82 -22.05 6.48
C PHE B 100 2.47 -20.81 7.09
N GLY B 101 1.75 -20.06 7.94
CA GLY B 101 2.31 -18.94 8.65
C GLY B 101 1.26 -18.41 9.59
N ASN B 102 1.70 -17.88 10.73
CA ASN B 102 0.77 -17.52 11.77
C ASN B 102 0.56 -16.01 11.92
N VAL B 103 -0.68 -15.57 11.75
CA VAL B 103 -1.09 -14.22 12.05
C VAL B 103 -1.93 -14.16 13.32
N ALA B 104 -2.19 -12.95 13.78
CA ALA B 104 -3.16 -12.76 14.90
C ALA B 104 -4.57 -12.51 14.38
N ALA B 105 -5.56 -12.67 15.26
CA ALA B 105 -6.95 -12.30 14.98
C ALA B 105 -7.08 -10.76 15.11
N ASP B 106 -6.55 -10.03 14.13
CA ASP B 106 -6.62 -8.56 14.16
C ASP B 106 -6.68 -8.10 12.70
N GLN B 107 -6.74 -6.79 12.50
CA GLN B 107 -6.97 -6.23 11.17
C GLN B 107 -5.79 -6.49 10.24
N LEU B 108 -4.58 -6.44 10.78
CA LEU B 108 -3.38 -6.74 9.97
C LEU B 108 -3.42 -8.21 9.52
N GLY B 109 -3.82 -9.09 10.44
CA GLY B 109 -3.98 -10.48 10.10
C GLY B 109 -5.04 -10.73 9.04
N ASP B 110 -6.15 -10.00 9.12
CA ASP B 110 -7.21 -10.12 8.14
C ASP B 110 -6.67 -9.67 6.76
N ILE B 111 -5.84 -8.64 6.75
CA ILE B 111 -5.22 -8.16 5.47
C ILE B 111 -4.33 -9.26 4.91
N PHE B 112 -3.44 -9.80 5.76
CA PHE B 112 -2.59 -10.89 5.35
C PHE B 112 -3.39 -12.07 4.78
N THR B 113 -4.39 -12.53 5.54
CA THR B 113 -5.19 -13.63 5.10
C THR B 113 -5.89 -13.37 3.77
N HIS B 114 -6.44 -12.17 3.61
CA HIS B 114 -7.16 -11.87 2.40
C HIS B 114 -6.19 -11.92 1.19
N ASP B 115 -5.06 -11.25 1.33
CA ASP B 115 -4.15 -11.10 0.16
C ASP B 115 -3.62 -12.42 -0.38
N ILE B 116 -3.23 -13.29 0.53
CA ILE B 116 -2.66 -14.54 0.09
C ILE B 116 -3.73 -15.47 -0.49
N ARG B 117 -4.88 -15.55 0.19
CA ARG B 117 -5.98 -16.37 -0.31
C ARG B 117 -6.52 -15.83 -1.64
N ALA B 118 -6.48 -14.52 -1.79
CA ALA B 118 -7.06 -13.86 -2.97
C ALA B 118 -6.22 -14.20 -4.21
N GLN B 119 -4.94 -14.48 -3.98
CA GLN B 119 -3.99 -14.84 -5.05
C GLN B 119 -4.17 -16.31 -5.47
N GLY B 120 -4.97 -17.06 -4.72
CA GLY B 120 -5.21 -18.46 -5.04
C GLY B 120 -4.27 -19.43 -4.31
N VAL B 121 -3.65 -18.97 -3.22
CA VAL B 121 -2.82 -19.80 -2.38
C VAL B 121 -3.68 -20.41 -1.26
N HIS B 122 -3.57 -21.72 -1.07
CA HIS B 122 -4.21 -22.39 0.09
C HIS B 122 -3.59 -21.87 1.36
N TYR B 123 -4.41 -21.26 2.21
CA TYR B 123 -3.92 -20.72 3.46
C TYR B 123 -4.96 -20.90 4.54
N GLN B 124 -4.63 -21.81 5.48
CA GLN B 124 -5.63 -22.22 6.49
CA GLN B 124 -5.61 -22.27 6.48
C GLN B 124 -5.08 -22.20 7.91
N THR B 125 -3.89 -21.62 8.11
CA THR B 125 -3.32 -21.49 9.46
C THR B 125 -4.24 -20.64 10.34
N LYS B 126 -4.64 -21.18 11.49
CA LYS B 126 -5.59 -20.48 12.36
C LYS B 126 -4.92 -19.54 13.36
N PRO B 127 -5.38 -18.28 13.46
CA PRO B 127 -4.86 -17.40 14.52
C PRO B 127 -5.14 -17.98 15.92
N LYS B 128 -4.25 -17.67 16.86
CA LYS B 128 -4.36 -18.22 18.24
C LYS B 128 -4.95 -17.24 19.23
N GLY B 129 -5.10 -15.99 18.80
CA GLY B 129 -5.59 -14.90 19.67
C GLY B 129 -5.16 -13.55 19.10
N ALA B 130 -5.36 -12.46 19.84
CA ALA B 130 -5.04 -11.08 19.38
C ALA B 130 -3.69 -10.58 19.89
N PHE B 131 -3.05 -11.35 20.76
CA PHE B 131 -1.73 -11.02 21.28
C PHE B 131 -0.84 -12.27 21.27
N PRO B 132 0.39 -12.14 20.74
CA PRO B 132 1.00 -10.97 20.13
C PRO B 132 0.25 -10.62 18.83
N PRO B 133 0.35 -9.34 18.40
CA PRO B 133 -0.43 -8.95 17.24
C PRO B 133 0.32 -9.42 16.00
N THR B 134 -0.32 -9.32 14.85
CA THR B 134 0.28 -9.76 13.59
C THR B 134 1.63 -9.06 13.36
N ALA B 135 2.60 -9.82 12.84
CA ALA B 135 3.95 -9.34 12.64
C ALA B 135 3.88 -8.22 11.60
N ARG B 136 4.76 -7.25 11.76
CA ARG B 136 4.91 -6.22 10.72
C ARG B 136 6.37 -5.87 10.56
N SER B 137 6.73 -5.44 9.35
CA SER B 137 8.10 -5.03 9.08
C SER B 137 8.06 -3.64 8.47
N MSE B 138 8.80 -2.73 9.11
CA MSE B 138 8.95 -1.38 8.58
C MSE B 138 10.11 -1.50 7.65
O MSE B 138 11.27 -1.72 8.07
CB MSE B 138 9.19 -0.38 9.69
CG MSE B 138 7.81 -0.16 10.27
SE MSE B 138 8.06 0.90 11.89
CE MSE B 138 8.30 -0.67 13.05
N ILE B 139 9.81 -1.24 6.38
CA ILE B 139 10.79 -1.38 5.33
C ILE B 139 11.09 0.00 4.75
N PHE B 140 12.35 0.41 4.88
CA PHE B 140 12.80 1.70 4.39
C PHE B 140 13.55 1.50 3.08
N VAL B 141 13.08 2.19 2.04
CA VAL B 141 13.68 2.03 0.72
C VAL B 141 14.48 3.29 0.40
N THR B 142 15.78 3.11 0.21
CA THR B 142 16.68 4.22 -0.12
C THR B 142 16.63 4.55 -1.63
N GLU B 143 17.26 5.66 -2.01
CA GLU B 143 17.19 6.13 -3.40
C GLU B 143 17.73 5.11 -4.41
N ASP B 144 18.70 4.31 -3.97
CA ASP B 144 19.30 3.24 -4.80
C ASP B 144 18.41 2.01 -5.01
N GLY B 145 17.22 2.03 -4.41
CA GLY B 145 16.28 0.94 -4.54
C GLY B 145 16.47 -0.15 -3.49
N GLU B 146 17.52 -0.04 -2.68
CA GLU B 146 17.79 -1.03 -1.63
CA GLU B 146 17.80 -1.02 -1.63
C GLU B 146 16.75 -0.93 -0.51
N ARG B 147 16.53 -2.04 0.19
CA ARG B 147 15.48 -2.07 1.22
C ARG B 147 16.09 -2.54 2.53
N SER B 148 15.68 -1.89 3.63
CA SER B 148 16.23 -2.19 4.96
C SER B 148 15.04 -2.45 5.86
N MSE B 149 14.97 -3.67 6.38
CA MSE B 149 13.72 -4.13 7.02
C MSE B 149 13.91 -4.19 8.51
O MSE B 149 14.99 -4.50 9.01
CB MSE B 149 13.28 -5.52 6.53
CG MSE B 149 13.46 -5.57 5.03
SE MSE B 149 12.52 -7.11 4.29
CE MSE B 149 13.77 -8.47 4.93
N ASN B 150 12.83 -3.82 9.22
CA ASN B 150 12.83 -3.76 10.69
C ASN B 150 11.59 -4.47 11.17
N THR B 151 11.78 -5.68 11.69
CA THR B 151 10.68 -6.62 11.79
C THR B 151 10.39 -6.95 13.23
N TYR B 152 9.15 -6.66 13.62
CA TYR B 152 8.62 -7.16 14.91
C TYR B 152 7.81 -8.42 14.62
N LEU B 153 8.33 -9.55 15.12
CA LEU B 153 7.77 -10.86 14.81
C LEU B 153 6.35 -11.13 15.31
N GLY B 154 5.93 -10.42 16.37
CA GLY B 154 4.56 -10.54 16.83
C GLY B 154 4.10 -12.01 16.90
N ALA B 155 2.96 -12.27 16.29
CA ALA B 155 2.32 -13.59 16.26
C ALA B 155 3.13 -14.71 15.63
N CYS B 156 4.17 -14.36 14.85
CA CYS B 156 5.01 -15.38 14.27
C CYS B 156 5.70 -16.28 15.32
N VAL B 157 5.85 -15.78 16.55
CA VAL B 157 6.55 -16.55 17.59
C VAL B 157 5.68 -17.74 18.00
N GLU B 158 4.39 -17.70 17.63
CA GLU B 158 3.47 -18.82 17.93
C GLU B 158 3.44 -19.99 16.94
N LEU B 159 4.02 -19.84 15.75
CA LEU B 159 4.02 -20.92 14.78
C LEU B 159 4.77 -22.12 15.34
N GLY B 160 4.13 -23.29 15.30
CA GLY B 160 4.79 -24.51 15.71
C GLY B 160 4.17 -25.73 15.07
N PRO B 161 4.52 -26.94 15.62
CA PRO B 161 4.09 -28.18 15.01
C PRO B 161 2.58 -28.30 14.82
N GLU B 162 1.80 -27.66 15.69
CA GLU B 162 0.34 -27.70 15.59
C GLU B 162 -0.18 -27.06 14.30
N ASP B 163 0.70 -26.33 13.63
CA ASP B 163 0.32 -25.65 12.38
C ASP B 163 0.70 -26.39 11.12
N VAL B 164 1.20 -27.61 11.26
CA VAL B 164 1.57 -28.44 10.14
C VAL B 164 0.34 -29.20 9.69
N GLU B 165 -0.19 -28.86 8.52
CA GLU B 165 -1.23 -29.60 7.89
C GLU B 165 -0.56 -30.75 7.16
N ALA B 166 -0.54 -31.93 7.79
CA ALA B 166 0.24 -33.06 7.30
C ALA B 166 -0.13 -33.52 5.89
N ASP B 167 -1.42 -33.45 5.57
CA ASP B 167 -1.93 -33.86 4.27
CA ASP B 167 -1.91 -33.88 4.26
C ASP B 167 -1.43 -32.91 3.19
N VAL B 168 -1.23 -31.66 3.56
CA VAL B 168 -0.76 -30.66 2.57
C VAL B 168 0.71 -30.92 2.25
N VAL B 169 1.53 -31.10 3.28
CA VAL B 169 2.94 -31.44 3.09
C VAL B 169 3.07 -32.73 2.24
N ALA B 170 2.32 -33.76 2.59
CA ALA B 170 2.38 -35.03 1.85
C ALA B 170 1.97 -34.87 0.37
N ASP B 171 1.10 -33.89 0.10
CA ASP B 171 0.54 -33.66 -1.25
C ASP B 171 1.21 -32.48 -1.98
N ALA B 172 2.41 -32.08 -1.55
CA ALA B 172 3.12 -30.96 -2.21
C ALA B 172 4.43 -31.45 -2.84
N LYS B 173 4.68 -31.11 -4.11
CA LYS B 173 5.90 -31.58 -4.75
C LYS B 173 7.13 -31.07 -4.01
N VAL B 174 7.13 -29.80 -3.63
CA VAL B 174 8.22 -29.18 -2.88
C VAL B 174 7.63 -28.40 -1.70
N THR B 175 8.24 -28.58 -0.53
CA THR B 175 7.99 -27.74 0.63
C THR B 175 9.22 -26.87 0.83
N TYR B 176 9.02 -25.55 0.81
CA TYR B 176 10.08 -24.55 0.88
C TYR B 176 9.89 -23.69 2.13
N PHE B 177 10.98 -23.42 2.83
CA PHE B 177 10.90 -22.61 4.07
C PHE B 177 12.00 -21.58 4.22
N GLU B 178 11.77 -20.59 5.07
CA GLU B 178 12.73 -19.53 5.35
C GLU B 178 13.76 -19.89 6.37
N GLY B 179 15.03 -19.57 6.12
CA GLY B 179 16.02 -19.48 7.19
C GLY B 179 15.56 -18.58 8.35
N TYR B 180 14.73 -17.59 8.03
CA TYR B 180 14.22 -16.62 8.97
C TYR B 180 13.45 -17.34 10.08
N LEU B 181 12.97 -18.53 9.77
CA LEU B 181 12.18 -19.31 10.77
C LEU B 181 13.00 -19.78 11.96
N TRP B 182 14.32 -19.67 11.88
CA TRP B 182 15.16 -20.02 13.03
C TRP B 182 15.19 -18.97 14.15
N ASP B 183 14.66 -17.77 13.89
CA ASP B 183 14.56 -16.76 14.94
C ASP B 183 13.42 -17.04 15.96
N PRO B 184 12.17 -17.26 15.48
CA PRO B 184 11.10 -17.57 16.47
C PRO B 184 11.37 -18.93 17.10
N PRO B 185 10.81 -19.19 18.30
CA PRO B 185 11.31 -20.33 19.07
C PRO B 185 10.98 -21.72 18.55
N ARG B 186 9.75 -21.91 18.11
CA ARG B 186 9.23 -23.24 17.87
C ARG B 186 9.03 -23.58 16.42
N ALA B 187 9.24 -22.62 15.52
CA ALA B 187 9.02 -22.86 14.10
C ALA B 187 9.89 -24.00 13.56
N LYS B 188 11.13 -24.10 14.02
CA LYS B 188 12.02 -25.16 13.58
C LYS B 188 11.42 -26.55 13.81
N GLU B 189 10.67 -26.72 14.91
CA GLU B 189 10.01 -28.00 15.15
C GLU B 189 8.99 -28.33 14.04
N ALA B 190 8.20 -27.33 13.63
CA ALA B 190 7.29 -27.49 12.51
C ALA B 190 8.04 -27.90 11.22
N ILE B 191 9.20 -27.27 10.98
CA ILE B 191 9.98 -27.56 9.79
C ILE B 191 10.53 -29.00 9.79
N LEU B 192 11.01 -29.44 10.96
CA LEU B 192 11.48 -30.84 11.08
C LEU B 192 10.34 -31.84 10.82
N ASP B 193 9.13 -31.54 11.31
CA ASP B 193 7.95 -32.33 10.98
C ASP B 193 7.69 -32.36 9.47
N CYS B 194 7.75 -31.18 8.84
CA CYS B 194 7.56 -31.07 7.40
C CYS B 194 8.57 -31.93 6.63
N ALA B 195 9.83 -31.85 7.04
CA ALA B 195 10.92 -32.58 6.36
C ALA B 195 10.65 -34.07 6.43
N ARG B 196 10.18 -34.54 7.59
CA ARG B 196 9.91 -35.96 7.78
CA ARG B 196 9.90 -35.97 7.76
C ARG B 196 8.78 -36.39 6.83
N ILE B 197 7.68 -35.67 6.87
CA ILE B 197 6.50 -35.98 6.05
C ILE B 197 6.81 -35.90 4.54
N ALA B 198 7.41 -34.80 4.11
CA ALA B 198 7.80 -34.63 2.70
C ALA B 198 8.63 -35.79 2.16
N HIS B 199 9.73 -36.09 2.84
CA HIS B 199 10.62 -37.17 2.43
C HIS B 199 9.97 -38.57 2.49
N GLN B 200 9.06 -38.78 3.43
CA GLN B 200 8.34 -40.06 3.53
C GLN B 200 7.36 -40.28 2.36
N HIS B 201 6.93 -39.18 1.74
CA HIS B 201 6.03 -39.25 0.60
C HIS B 201 6.76 -38.96 -0.71
N GLY B 202 8.09 -38.97 -0.65
CA GLY B 202 8.95 -38.81 -1.83
C GLY B 202 8.98 -37.42 -2.44
N ARG B 203 8.68 -36.41 -1.63
CA ARG B 203 8.69 -35.02 -2.09
C ARG B 203 10.04 -34.42 -1.79
N GLU B 204 10.25 -33.16 -2.16
CA GLU B 204 11.51 -32.49 -1.86
C GLU B 204 11.36 -31.31 -0.93
N MSE B 205 12.42 -31.04 -0.18
CA MSE B 205 12.47 -29.94 0.78
C MSE B 205 13.41 -28.88 0.26
O MSE B 205 14.47 -29.20 -0.31
CB MSE B 205 13.05 -30.41 2.11
CG MSE B 205 12.13 -31.36 2.87
SE MSE B 205 10.50 -30.40 3.42
CE MSE B 205 11.35 -28.94 4.42
N SER B 206 13.04 -27.62 0.47
CA SER B 206 13.86 -26.51 0.02
C SER B 206 13.90 -25.43 1.07
N MSE B 207 15.01 -24.71 1.14
CA MSE B 207 15.12 -23.56 2.00
C MSE B 207 15.82 -22.44 1.34
O MSE B 207 16.58 -22.65 0.37
CB MSE B 207 15.84 -23.87 3.29
CG MSE B 207 17.34 -23.78 3.20
SE MSE B 207 18.09 -24.16 4.97
CE MSE B 207 17.47 -22.58 5.95
N THR B 208 15.56 -21.25 1.84
CA THR B 208 16.34 -20.08 1.50
C THR B 208 17.18 -19.65 2.71
N LEU B 209 18.41 -19.25 2.48
CA LEU B 209 19.26 -18.72 3.55
C LEU B 209 18.79 -17.36 4.12
N SER B 210 17.85 -16.74 3.41
CA SER B 210 17.11 -15.56 3.84
C SER B 210 17.86 -14.22 3.93
N ASP B 211 18.99 -14.21 4.63
CA ASP B 211 19.67 -12.96 5.03
C ASP B 211 21.03 -13.30 5.56
N SER B 212 22.05 -12.53 5.21
CA SER B 212 23.40 -12.89 5.64
C SER B 212 23.63 -12.92 7.16
N PHE B 213 22.91 -12.06 7.88
CA PHE B 213 23.03 -11.99 9.33
C PHE B 213 22.28 -13.17 9.92
N CYS B 214 21.18 -13.53 9.29
CA CYS B 214 20.44 -14.76 9.66
C CYS B 214 21.39 -15.96 9.53
N VAL B 215 22.15 -16.02 8.44
CA VAL B 215 23.14 -17.07 8.28
C VAL B 215 24.22 -17.01 9.37
N ASP B 216 24.67 -15.81 9.71
CA ASP B 216 25.64 -15.63 10.80
C ASP B 216 25.08 -16.26 12.08
N ARG B 217 23.77 -16.07 12.31
CA ARG B 217 23.16 -16.57 13.56
C ARG B 217 23.05 -18.08 13.57
N TYR B 218 22.82 -18.70 12.41
CA TYR B 218 22.41 -20.13 12.35
C TYR B 218 23.23 -20.98 11.36
N ARG B 219 24.45 -20.53 11.13
CA ARG B 219 25.34 -21.15 10.15
CA ARG B 219 25.37 -21.15 10.16
C ARG B 219 25.46 -22.67 10.33
N GLY B 220 25.78 -23.11 11.56
CA GLY B 220 25.95 -24.54 11.81
C GLY B 220 24.67 -25.31 11.60
N GLU B 221 23.55 -24.76 12.09
CA GLU B 221 22.25 -25.42 11.93
C GLU B 221 21.84 -25.54 10.46
N PHE B 222 22.05 -24.47 9.67
CA PHE B 222 21.75 -24.51 8.25
C PHE B 222 22.59 -25.55 7.51
N LEU B 223 23.89 -25.59 7.79
CA LEU B 223 24.77 -26.62 7.21
C LEU B 223 24.32 -28.02 7.58
N ASP B 224 23.88 -28.19 8.82
CA ASP B 224 23.37 -29.49 9.25
C ASP B 224 22.11 -29.89 8.49
N LEU B 225 21.20 -28.94 8.27
CA LEU B 225 20.00 -29.22 7.49
C LEU B 225 20.38 -29.75 6.11
N MSE B 226 21.37 -29.12 5.49
CA MSE B 226 21.80 -29.52 4.13
C MSE B 226 22.50 -30.86 4.15
O MSE B 226 22.15 -31.74 3.37
CB MSE B 226 22.70 -28.46 3.52
CG MSE B 226 21.92 -27.16 3.45
SE MSE B 226 23.15 -25.64 3.18
CE MSE B 226 24.00 -26.11 1.47
N ARG B 227 23.50 -31.00 5.01
CA ARG B 227 24.33 -32.21 5.06
C ARG B 227 23.61 -33.47 5.51
N SER B 228 22.59 -33.29 6.35
CA SER B 228 21.78 -34.41 6.83
C SER B 228 20.69 -34.81 5.82
N GLY B 229 20.53 -34.03 4.75
CA GLY B 229 19.55 -34.37 3.74
C GLY B 229 18.14 -33.90 4.05
N LYS B 230 17.98 -33.13 5.13
CA LYS B 230 16.67 -32.56 5.44
C LYS B 230 16.24 -31.50 4.40
N VAL B 231 17.22 -30.79 3.84
CA VAL B 231 16.99 -29.83 2.76
CA VAL B 231 16.90 -29.90 2.74
C VAL B 231 17.64 -30.35 1.48
N ASP B 232 16.88 -30.41 0.38
CA ASP B 232 17.37 -30.90 -0.90
C ASP B 232 17.78 -29.77 -1.83
N ILE B 233 17.07 -28.64 -1.77
CA ILE B 233 17.31 -27.50 -2.68
C ILE B 233 17.52 -26.22 -1.88
N VAL B 234 18.66 -25.56 -2.03
CA VAL B 234 18.99 -24.36 -1.26
CA VAL B 234 18.93 -24.35 -1.26
C VAL B 234 19.03 -23.11 -2.15
N PHE B 235 18.38 -22.04 -1.72
CA PHE B 235 18.48 -20.71 -2.34
C PHE B 235 19.38 -19.81 -1.51
N ALA B 236 20.25 -19.07 -2.19
CA ALA B 236 21.15 -18.17 -1.54
C ALA B 236 21.39 -16.99 -2.48
N ASN B 237 21.70 -15.83 -1.93
CA ASN B 237 22.33 -14.78 -2.73
C ASN B 237 23.84 -14.78 -2.47
N ARG B 238 24.59 -13.92 -3.16
CA ARG B 238 26.04 -13.93 -3.00
C ARG B 238 26.47 -13.73 -1.55
N GLN B 239 25.84 -12.79 -0.85
CA GLN B 239 26.32 -12.44 0.49
C GLN B 239 25.98 -13.57 1.47
N GLU B 240 24.85 -14.21 1.28
CA GLU B 240 24.49 -15.39 2.12
C GLU B 240 25.47 -16.53 1.90
N ALA B 241 25.84 -16.77 0.64
CA ALA B 241 26.75 -17.88 0.34
C ALA B 241 28.11 -17.63 0.97
N LEU B 242 28.62 -16.40 0.82
CA LEU B 242 29.87 -15.99 1.46
C LEU B 242 29.78 -16.13 2.99
N SER B 243 28.68 -15.66 3.55
N SER B 243 28.67 -15.67 3.57
CA SER B 243 28.46 -15.74 4.98
CA SER B 243 28.48 -15.75 5.01
C SER B 243 28.44 -17.20 5.44
C SER B 243 28.40 -17.20 5.48
N LEU B 244 27.82 -18.06 4.65
CA LEU B 244 27.66 -19.48 5.02
C LEU B 244 29.01 -20.14 5.28
N TYR B 245 29.99 -19.80 4.46
CA TYR B 245 31.32 -20.41 4.61
C TYR B 245 32.38 -19.44 5.16
N GLN B 246 31.94 -18.24 5.58
CA GLN B 246 32.79 -17.21 6.17
C GLN B 246 34.00 -16.95 5.26
N THR B 247 33.70 -16.71 4.00
CA THR B 247 34.74 -16.55 3.00
C THR B 247 34.51 -15.28 2.20
N ASP B 248 35.60 -14.77 1.62
CA ASP B 248 35.54 -13.68 0.65
C ASP B 248 35.60 -14.22 -0.76
N ASP B 249 35.82 -15.52 -0.90
CA ASP B 249 36.03 -16.17 -2.19
C ASP B 249 34.72 -16.79 -2.68
N PHE B 250 34.05 -16.10 -3.59
CA PHE B 250 32.79 -16.60 -4.16
C PHE B 250 32.91 -17.96 -4.85
N GLU B 251 34.04 -18.21 -5.51
CA GLU B 251 34.24 -19.51 -6.15
C GLU B 251 34.30 -20.64 -5.13
N GLU B 252 34.94 -20.40 -4.00
CA GLU B 252 34.95 -21.35 -2.87
C GLU B 252 33.51 -21.57 -2.39
N ALA B 253 32.79 -20.48 -2.17
CA ALA B 253 31.39 -20.57 -1.72
C ALA B 253 30.53 -21.41 -2.68
N LEU B 254 30.70 -21.23 -3.99
CA LEU B 254 29.95 -22.06 -4.96
C LEU B 254 30.34 -23.55 -4.89
N ASN B 255 31.64 -23.82 -4.82
CA ASN B 255 32.13 -25.19 -4.77
C ASN B 255 31.62 -25.87 -3.50
N ARG B 256 31.64 -25.13 -2.41
CA ARG B 256 31.23 -25.73 -1.12
C ARG B 256 29.73 -25.95 -1.04
N ILE B 257 28.94 -24.96 -1.47
CA ILE B 257 27.49 -25.11 -1.42
C ILE B 257 27.02 -26.28 -2.30
N ALA B 258 27.66 -26.49 -3.45
CA ALA B 258 27.30 -27.59 -4.30
C ALA B 258 27.63 -28.94 -3.65
N ALA B 259 28.67 -28.97 -2.81
CA ALA B 259 29.06 -30.18 -2.09
C ALA B 259 28.07 -30.48 -0.94
N ASP B 260 27.43 -29.44 -0.45
CA ASP B 260 26.58 -29.52 0.76
C ASP B 260 25.10 -29.79 0.52
N CYS B 261 24.61 -29.55 -0.70
CA CYS B 261 23.21 -29.80 -1.01
CA CYS B 261 23.20 -29.69 -1.04
C CYS B 261 23.04 -30.33 -2.43
N LYS B 262 21.92 -30.98 -2.69
CA LYS B 262 21.69 -31.63 -3.99
C LYS B 262 21.64 -30.60 -5.13
N ILE B 263 20.84 -29.56 -4.94
CA ILE B 263 20.74 -28.44 -5.89
C ILE B 263 20.87 -27.12 -5.12
N ALA B 264 21.69 -26.21 -5.64
CA ALA B 264 21.81 -24.87 -5.08
C ALA B 264 21.47 -23.86 -6.17
N ALA B 265 20.65 -22.87 -5.83
CA ALA B 265 20.38 -21.75 -6.74
C ALA B 265 20.91 -20.48 -6.11
N VAL B 266 21.93 -19.90 -6.74
CA VAL B 266 22.65 -18.79 -6.13
C VAL B 266 22.47 -17.55 -6.98
N THR B 267 21.81 -16.57 -6.40
CA THR B 267 21.56 -15.30 -7.10
C THR B 267 22.70 -14.32 -6.94
N MSE B 268 22.90 -13.53 -8.01
CA MSE B 268 24.00 -12.57 -8.02
C MSE B 268 23.55 -11.19 -8.45
O MSE B 268 24.28 -10.51 -9.16
CB MSE B 268 25.15 -13.10 -8.90
CG MSE B 268 25.51 -14.53 -8.54
SE MSE B 268 26.79 -15.29 -9.81
CE MSE B 268 25.65 -15.54 -11.38
N SER B 269 22.37 -10.77 -8.00
CA SER B 269 21.84 -9.42 -8.27
C SER B 269 21.85 -9.12 -9.78
N GLU B 270 22.45 -8.00 -10.18
CA GLU B 270 22.46 -7.63 -11.60
C GLU B 270 23.22 -8.61 -12.50
N ASN B 271 24.02 -9.48 -11.89
CA ASN B 271 24.78 -10.50 -12.61
C ASN B 271 24.04 -11.82 -12.83
N GLY B 272 22.74 -11.82 -12.53
CA GLY B 272 21.89 -12.98 -12.75
C GLY B 272 22.01 -14.01 -11.64
N ALA B 273 22.22 -15.26 -12.04
CA ALA B 273 22.20 -16.38 -11.10
C ALA B 273 22.99 -17.57 -11.65
N VAL B 274 23.26 -18.54 -10.78
CA VAL B 274 23.92 -19.75 -11.17
C VAL B 274 23.25 -20.89 -10.41
N ILE B 275 22.91 -21.91 -11.17
CA ILE B 275 22.30 -23.10 -10.65
C ILE B 275 23.33 -24.22 -10.60
N LEU B 276 23.40 -24.90 -9.46
CA LEU B 276 24.44 -25.88 -9.24
C LEU B 276 23.82 -27.20 -8.89
N LYS B 277 24.30 -28.28 -9.52
CA LYS B 277 23.88 -29.64 -9.17
C LYS B 277 25.05 -30.58 -9.40
N GLY B 278 25.63 -31.09 -8.32
CA GLY B 278 26.84 -31.91 -8.42
C GLY B 278 27.94 -31.05 -9.00
N ARG B 279 28.39 -31.44 -10.20
CA ARG B 279 29.42 -30.71 -10.93
C ARG B 279 28.80 -29.82 -12.01
N GLU B 280 27.49 -29.96 -12.22
CA GLU B 280 26.78 -29.14 -13.20
C GLU B 280 26.66 -27.71 -12.70
N ARG B 281 26.96 -26.74 -13.57
CA ARG B 281 26.67 -25.34 -13.30
C ARG B 281 25.91 -24.73 -14.47
N TYR B 282 24.87 -23.97 -14.17
CA TYR B 282 24.07 -23.28 -15.18
C TYR B 282 23.95 -21.81 -14.88
N TYR B 283 24.65 -20.98 -15.64
CA TYR B 283 24.57 -19.54 -15.44
C TYR B 283 23.40 -18.98 -16.22
N VAL B 284 22.75 -17.97 -15.65
CA VAL B 284 21.57 -17.33 -16.23
C VAL B 284 21.71 -15.81 -16.09
N ASN B 285 21.41 -15.08 -17.16
CA ASN B 285 21.50 -13.62 -17.13
C ASN B 285 20.34 -12.93 -16.40
N ALA B 286 20.64 -11.78 -15.81
CA ALA B 286 19.61 -10.90 -15.28
C ALA B 286 18.92 -10.15 -16.40
N ILE B 287 17.66 -9.78 -16.16
CA ILE B 287 16.96 -8.84 -17.02
C ILE B 287 17.65 -7.48 -16.86
N ARG B 288 17.97 -6.83 -17.98
CA ARG B 288 18.52 -5.48 -17.92
C ARG B 288 17.45 -4.53 -17.41
N ILE B 289 17.80 -3.74 -16.39
CA ILE B 289 16.80 -2.96 -15.67
C ILE B 289 16.83 -1.47 -15.94
N ARG B 290 15.67 -0.94 -16.31
CA ARG B 290 15.45 0.49 -16.52
C ARG B 290 15.87 1.27 -15.27
N GLU B 291 15.13 1.04 -14.19
CA GLU B 291 15.42 1.63 -12.89
C GLU B 291 14.96 0.66 -11.82
N VAL B 292 15.82 0.44 -10.82
CA VAL B 292 15.47 -0.38 -9.67
C VAL B 292 14.64 0.47 -8.71
N VAL B 293 13.34 0.23 -8.70
CA VAL B 293 12.40 0.98 -7.85
C VAL B 293 12.54 0.57 -6.37
N ASP B 294 12.51 -0.72 -6.13
CA ASP B 294 12.47 -1.25 -4.76
C ASP B 294 12.79 -2.74 -4.88
N THR B 295 13.92 -3.15 -4.29
CA THR B 295 14.39 -4.54 -4.44
C THR B 295 13.62 -5.51 -3.53
N THR B 296 12.72 -5.00 -2.71
CA THR B 296 12.01 -5.88 -1.78
C THR B 296 11.31 -6.99 -2.57
N GLY B 297 11.59 -8.24 -2.19
CA GLY B 297 10.94 -9.36 -2.84
C GLY B 297 11.74 -10.05 -3.95
N ALA B 298 12.91 -9.50 -4.28
CA ALA B 298 13.65 -10.01 -5.44
C ALA B 298 14.02 -11.50 -5.27
N GLY B 299 14.63 -11.82 -4.14
CA GLY B 299 15.00 -13.20 -3.83
C GLY B 299 13.76 -14.11 -3.72
N ASP B 300 12.71 -13.61 -3.07
CA ASP B 300 11.44 -14.33 -2.95
C ASP B 300 10.86 -14.74 -4.29
N LEU B 301 10.86 -13.80 -5.24
CA LEU B 301 10.26 -14.04 -6.52
C LEU B 301 11.18 -14.86 -7.45
N PHE B 302 12.50 -14.74 -7.27
CA PHE B 302 13.43 -15.67 -7.90
C PHE B 302 13.05 -17.11 -7.51
N ALA B 303 12.80 -17.30 -6.22
CA ALA B 303 12.38 -18.63 -5.82
C ALA B 303 11.04 -19.05 -6.40
N SER B 304 10.08 -18.12 -6.51
CA SER B 304 8.81 -18.44 -7.15
C SER B 304 9.02 -18.99 -8.55
N GLY B 305 9.82 -18.27 -9.32
CA GLY B 305 10.03 -18.62 -10.72
C GLY B 305 10.75 -19.95 -10.80
N PHE B 306 11.82 -20.07 -10.01
CA PHE B 306 12.61 -21.31 -9.99
C PHE B 306 11.74 -22.51 -9.66
N LEU B 307 11.02 -22.43 -8.53
CA LEU B 307 10.22 -23.55 -8.07
C LEU B 307 9.04 -23.87 -8.96
N TYR B 308 8.46 -22.85 -9.59
CA TYR B 308 7.39 -23.05 -10.55
C TYR B 308 7.97 -23.86 -11.71
N GLY B 309 9.10 -23.41 -12.25
CA GLY B 309 9.74 -24.16 -13.33
C GLY B 309 10.12 -25.58 -12.93
N TYR B 310 10.65 -25.73 -11.72
CA TYR B 310 11.13 -27.02 -11.22
C TYR B 310 10.00 -28.06 -11.13
N THR B 311 8.86 -27.63 -10.57
CA THR B 311 7.72 -28.51 -10.40
C THR B 311 6.90 -28.71 -11.68
N GLN B 312 7.29 -27.99 -12.75
CA GLN B 312 6.75 -28.23 -14.10
C GLN B 312 7.71 -29.08 -14.94
N GLY B 313 8.77 -29.59 -14.31
CA GLY B 313 9.71 -30.50 -14.99
C GLY B 313 10.68 -29.80 -15.93
N ARG B 314 10.87 -28.50 -15.77
CA ARG B 314 11.74 -27.72 -16.66
C ARG B 314 13.21 -27.93 -16.33
N SER B 315 14.09 -27.69 -17.32
CA SER B 315 15.51 -27.77 -17.11
C SER B 315 15.95 -26.79 -16.02
N LEU B 316 17.04 -27.12 -15.32
CA LEU B 316 17.57 -26.19 -14.30
C LEU B 316 17.85 -24.77 -14.85
N GLU B 317 18.41 -24.67 -16.05
CA GLU B 317 18.60 -23.36 -16.66
C GLU B 317 17.28 -22.59 -16.80
N ASP B 318 16.25 -23.26 -17.31
CA ASP B 318 14.94 -22.64 -17.51
C ASP B 318 14.29 -22.23 -16.19
N CYS B 319 14.50 -23.05 -15.16
CA CYS B 319 14.09 -22.67 -13.81
C CYS B 319 14.77 -21.37 -13.40
N GLY B 320 16.08 -21.29 -13.63
CA GLY B 320 16.81 -20.07 -13.39
C GLY B 320 16.31 -18.89 -14.22
N LYS B 321 16.01 -19.12 -15.51
CA LYS B 321 15.44 -18.06 -16.34
C LYS B 321 14.13 -17.54 -15.77
N LEU B 322 13.24 -18.46 -15.34
CA LEU B 322 11.94 -18.08 -14.81
C LEU B 322 12.09 -17.31 -13.49
N GLY B 323 13.02 -17.74 -12.65
CA GLY B 323 13.35 -17.02 -11.41
C GLY B 323 13.85 -15.61 -11.70
N CYS B 324 14.75 -15.48 -12.69
CA CYS B 324 15.27 -14.15 -13.01
C CYS B 324 14.18 -13.25 -13.60
N LEU B 325 13.28 -13.83 -14.37
CA LEU B 325 12.17 -13.06 -14.95
C LEU B 325 11.28 -12.50 -13.86
N ALA B 326 10.88 -13.36 -12.92
CA ALA B 326 9.98 -12.95 -11.86
C ALA B 326 10.63 -11.89 -10.94
N ALA B 327 11.91 -12.09 -10.63
CA ALA B 327 12.66 -11.19 -9.77
C ALA B 327 12.78 -9.80 -10.41
N GLY B 328 13.11 -9.78 -11.70
CA GLY B 328 13.25 -8.52 -12.43
C GLY B 328 11.97 -7.74 -12.45
N ILE B 329 10.84 -8.44 -12.56
CA ILE B 329 9.52 -7.80 -12.50
C ILE B 329 9.27 -7.16 -11.13
N VAL B 330 9.45 -7.91 -10.06
CA VAL B 330 9.09 -7.36 -8.77
C VAL B 330 9.93 -6.15 -8.35
N ILE B 331 11.18 -6.06 -8.79
CA ILE B 331 12.02 -4.95 -8.34
C ILE B 331 11.69 -3.62 -9.05
N GLN B 332 10.82 -3.68 -10.06
CA GLN B 332 10.37 -2.50 -10.80
C GLN B 332 9.03 -1.93 -10.32
N GLN B 333 8.61 -2.36 -9.12
CA GLN B 333 7.36 -1.88 -8.51
C GLN B 333 7.55 -1.72 -7.03
N ILE B 334 6.73 -0.88 -6.42
CA ILE B 334 6.66 -0.77 -4.97
C ILE B 334 5.89 -1.97 -4.43
N GLY B 335 6.44 -2.66 -3.43
CA GLY B 335 5.71 -3.76 -2.82
C GLY B 335 6.21 -5.12 -3.24
N PRO B 336 6.11 -6.12 -2.36
CA PRO B 336 6.89 -7.33 -2.58
C PRO B 336 6.29 -8.43 -3.43
N ARG B 337 5.05 -8.25 -3.89
CA ARG B 337 4.33 -9.24 -4.65
C ARG B 337 3.85 -8.61 -5.95
N PRO B 338 4.35 -9.12 -7.11
CA PRO B 338 4.00 -8.55 -8.41
C PRO B 338 2.49 -8.32 -8.58
N MSE B 339 2.12 -7.11 -9.01
CA MSE B 339 0.71 -6.76 -9.26
C MSE B 339 0.30 -7.05 -10.68
O MSE B 339 -0.87 -6.92 -11.05
CB MSE B 339 0.50 -5.29 -8.92
CG MSE B 339 0.58 -5.04 -7.43
SE MSE B 339 0.55 -3.09 -7.15
CE MSE B 339 2.47 -2.71 -7.42
N THR B 340 1.28 -7.46 -11.48
CA THR B 340 1.04 -7.86 -12.86
C THR B 340 1.09 -9.37 -13.02
N SER B 341 0.66 -9.83 -14.20
CA SER B 341 0.67 -11.24 -14.52
C SER B 341 2.05 -11.79 -14.86
N LEU B 342 2.54 -12.66 -13.99
CA LEU B 342 3.81 -13.33 -14.23
C LEU B 342 3.68 -14.38 -15.31
N SER B 343 2.52 -15.04 -15.37
CA SER B 343 2.25 -16.05 -16.40
C SER B 343 2.30 -15.42 -17.81
N GLU B 344 1.66 -14.27 -17.96
CA GLU B 344 1.69 -13.53 -19.23
C GLU B 344 3.13 -13.13 -19.60
N ALA B 345 3.88 -12.62 -18.61
CA ALA B 345 5.28 -12.22 -18.84
C ALA B 345 6.13 -13.41 -19.28
N ALA B 346 5.94 -14.55 -18.62
CA ALA B 346 6.61 -15.80 -18.97
C ALA B 346 6.26 -16.26 -20.40
N LYS B 347 5.00 -16.07 -20.80
CA LYS B 347 4.56 -16.41 -22.15
C LYS B 347 5.28 -15.55 -23.17
N GLN B 348 5.35 -14.26 -22.90
CA GLN B 348 6.00 -13.31 -23.85
C GLN B 348 7.48 -13.67 -24.02
N ALA B 349 8.06 -14.19 -22.94
CA ALA B 349 9.48 -14.51 -22.88
C ALA B 349 9.81 -15.88 -23.46
N GLY B 350 8.78 -16.57 -23.96
CA GLY B 350 8.93 -17.93 -24.47
C GLY B 350 9.30 -18.97 -23.41
N LEU B 351 9.04 -18.66 -22.13
CA LEU B 351 9.31 -19.59 -21.05
C LEU B 351 8.04 -20.36 -20.71
N ILE B 352 6.90 -19.71 -21.00
CA ILE B 352 5.57 -20.30 -21.02
C ILE B 352 5.10 -20.86 -19.69
O5' ADN C . -10.86 11.26 -3.44
C5' ADN C . -10.20 10.00 -3.28
C4' ADN C . -10.39 9.59 -1.82
O4' ADN C . -11.79 9.56 -1.53
C3' ADN C . -9.87 8.19 -1.46
O3' ADN C . -8.58 8.29 -0.87
C2' ADN C . -10.90 7.64 -0.46
O2' ADN C . -10.41 7.30 0.84
C1' ADN C . -11.82 8.82 -0.30
N9 ADN C . -13.21 8.46 0.02
C8 ADN C . -13.93 7.39 -0.39
N7 ADN C . -15.20 7.40 0.13
C5 ADN C . -15.29 8.54 0.84
C6 ADN C . -16.33 9.15 1.69
N6 ADN C . -17.57 8.58 1.74
N1 ADN C . -16.01 10.31 2.29
C2 ADN C . -14.78 10.90 2.19
N3 ADN C . -13.79 10.39 1.44
C4 ADN C . -13.98 9.22 0.79
O5' THM D . -9.50 15.97 -12.00
O5' THM D . -9.53 15.97 -12.10
C5' THM D . -8.92 16.92 -11.13
C5' THM D . -8.98 16.95 -11.24
C4' THM D . -7.58 17.43 -11.63
C4' THM D . -7.64 17.43 -11.79
O4' THM D . -6.67 16.38 -11.89
O4' THM D . -6.77 16.35 -12.12
C3' THM D . -7.71 18.16 -12.93
C3' THM D . -7.76 18.22 -13.06
O3' THM D . -8.08 19.50 -12.71
O3' THM D . -8.11 19.58 -12.83
C2' THM D . -6.30 18.01 -13.46
C2' THM D . -6.37 18.11 -13.65
C1' THM D . -5.90 16.62 -13.03
C1' THM D . -5.88 16.75 -13.17
N1 THM D . -5.98 15.63 -14.14
N1 THM D . -5.87 15.84 -14.32
C2 THM D . -5.04 15.62 -15.19
C2 THM D . -6.84 14.84 -14.49
O2 THM D . -4.12 16.36 -15.26
O2 THM D . -7.72 14.72 -13.63
N3 THM D . -4.96 14.85 -16.24
N3 THM D . -6.84 14.03 -15.54
C4 THM D . -5.82 13.94 -16.37
C4 THM D . -5.90 14.15 -16.49
O4 THM D . -5.68 13.23 -17.40
O4 THM D . -5.88 13.39 -17.49
C5 THM D . -6.88 13.86 -15.32
C5 THM D . -4.87 15.19 -16.34
C5M THM D . -7.93 12.81 -15.45
C5M THM D . -3.79 15.34 -17.38
C6 THM D . -6.94 14.72 -14.24
C6 THM D . -4.90 16.01 -15.23
S DMS E . -13.85 -5.07 4.33
O DMS E . -14.44 -4.02 5.20
C1 DMS E . -12.18 -4.82 4.10
C2 DMS E . -13.93 -6.57 5.14
S DMS F . -16.18 -4.10 8.98
O DMS F . -15.18 -5.18 8.99
C1 DMS F . -16.97 -4.18 7.48
C2 DMS F . -17.49 -4.45 10.02
K K G . -3.33 8.23 -7.37
O5' ADN H . 12.11 -10.48 1.07
C5' ADN H . 11.26 -9.36 1.36
C4' ADN H . 10.24 -9.72 2.45
O4' ADN H . 10.95 -10.06 3.63
C3' ADN H . 9.32 -8.55 2.84
O3' ADN H . 8.06 -8.63 2.17
C2' ADN H . 9.17 -8.72 4.37
O2' ADN H . 7.83 -8.85 4.79
C1' ADN H . 9.88 -10.03 4.57
N9 ADN H . 10.48 -10.16 5.92
C8 ADN H . 10.99 -9.20 6.72
N7 ADN H . 11.46 -9.67 7.89
C5 ADN H . 11.22 -11.00 7.84
C6 ADN H . 11.43 -12.15 8.77
N6 ADN H . 12.01 -11.94 9.98
N1 ADN H . 10.99 -13.32 8.29
C2 ADN H . 10.41 -13.57 7.13
N3 ADN H . 10.20 -12.59 6.24
C4 ADN H . 10.57 -11.33 6.56
O5' THM I . 18.59 -10.54 -6.53
O5' THM I . 18.58 -10.42 -6.46
C5' THM I . 17.69 -11.55 -6.89
C5' THM I . 17.82 -11.58 -6.82
C4' THM I . 17.40 -11.52 -8.37
C4' THM I . 17.47 -11.51 -8.29
O4' THM I . 16.91 -10.24 -8.74
O4' THM I . 16.92 -10.24 -8.62
C3' THM I . 18.61 -11.65 -9.27
C3' THM I . 18.66 -11.69 -9.21
O3' THM I . 18.95 -12.99 -9.55
O3' THM I . 18.88 -13.06 -9.52
C2' THM I . 18.17 -10.95 -10.55
C2' THM I . 18.27 -10.91 -10.46
C1' THM I . 17.25 -9.85 -10.08
C1' THM I . 17.28 -9.86 -9.96
N1 THM I . 17.92 -8.53 -10.21
N1 THM I . 17.94 -8.56 -9.99
C2 THM I . 18.42 -7.85 -9.08
C2 THM I . 18.11 -7.90 -11.23
O2 THM I . 18.34 -8.31 -7.93
O2 THM I . 17.70 -8.45 -12.27
N3 THM I . 19.06 -6.70 -9.18
N3 THM I . 18.71 -6.70 -11.33
C4 THM I . 19.23 -6.07 -10.32
C4 THM I . 19.15 -6.09 -10.23
O4 THM I . 19.84 -5.00 -10.59
O4 THM I . 19.70 -4.97 -10.33
C5 THM I . 18.75 -6.73 -11.53
C5 THM I . 18.98 -6.76 -8.91
C5M THM I . 19.01 -5.96 -12.78
C5M THM I . 19.48 -6.09 -7.66
C6 THM I . 18.08 -7.95 -11.44
C6 THM I . 18.36 -7.98 -8.85
S DMS J . 4.72 -0.42 14.70
O DMS J . 4.80 -1.87 14.94
C1 DMS J . 4.01 -0.11 13.18
C2 DMS J . 3.49 0.21 15.71
S DMS K . 2.86 -3.11 18.78
O DMS K . 1.72 -2.49 18.07
C1 DMS K . 3.19 -4.61 18.08
C2 DMS K . 4.32 -2.30 18.39
O5' THM L . 4.26 -16.24 23.36
C5' THM L . 4.73 -14.89 23.37
C4' THM L . 3.92 -14.07 24.37
O4' THM L . 2.55 -14.02 23.97
C3' THM L . 3.92 -14.68 25.75
O3' THM L . 4.20 -13.61 26.66
C2' THM L . 2.51 -15.19 26.00
C1' THM L . 1.69 -14.33 25.07
N1 THM L . 0.48 -14.98 24.53
C2 THM L . -0.76 -14.31 24.68
O2 THM L . -0.80 -13.21 25.25
N3 THM L . -1.89 -14.87 24.18
C4 THM L . -1.85 -16.05 23.53
O4 THM L . -2.88 -16.55 23.06
C5 THM L . -0.55 -16.75 23.37
C5M THM L . -0.43 -18.07 22.64
C6 THM L . 0.58 -16.15 23.89
K K M . 9.44 -4.54 -4.99
#